data_4EUC
#
_entry.id   4EUC
#
_cell.length_a   79.490
_cell.length_b   104.052
_cell.length_c   120.134
_cell.angle_alpha   90.00
_cell.angle_beta   90.00
_cell.angle_gamma   90.00
#
_symmetry.space_group_name_H-M   'P 21 21 21'
#
loop_
_entity.id
_entity.type
_entity.pdbx_description
1 polymer 'Succinyl-CoA:acetate coenzyme A transferase'
2 non-polymer '[[(2R,3S,4R,5R)-5-(6-aminopurin-9-yl)-4-oxidanyl-3-phosphonooxy-oxolan-2-yl]methoxy-oxidanyl-phosphoryl] [(3R)-2,2-dimethyl-3-oxidanyl-4-oxidanylidene-4-[[3-oxidanylidene-3-(4-oxidanylidenepentylamino)propyl]amino]butyl] hydrogen phosphate'
3 non-polymer 'CHLORIDE ION'
4 water water
#
_entity_poly.entity_id   1
_entity_poly.type   'polypeptide(L)'
_entity_poly.pdbx_seq_one_letter_code
;MTERIRNVALRSKVCPAETASELIKHGDVVGTSGFTGAGYPKEVPKALAQRMEAAHDRGEKYQISLITGASTGPQLDGEL
AKANGVYFRSPFNTDATMRNRINAGETEYFDNHLGQVAGRAVQGNYGKFNIALVEATAITEDGGIVPTSSVGNSQTFLNL
AEKVIIEVNEWQNPMLEGIHDIWDGNVSGVPTRDIVPIVRADQRVGGPVLRVNPDKIAAIVRTNDRDRNAPFAAPDETAK
AIAGYLLDFFGHEVKQNRLPPSLLPLQSGVGNVANAVLEGLKEGPFENLVGYSAVIQDGMLAMLDSGRMRIASASSFSLS
PEAAEEINNRMDFFRSKIILRQQDVSNSPGIIRRLGCIAMNGMIEADIYGNVNSTRVMGSKMMNGIGGSGDFARSSYLSI
FLSPSTAKGGKISAIVPMAAHVDHIMQDAQIFVTEQGLADLRGLSPVQRAREIISKCAHPDYRPMLQDYFDRALKNSFGK
HTPHLLTEALSWHQRFIDTGTMLPSSLEHHHHHH
;
_entity_poly.pdbx_strand_id   A,B
#
# COMPACT_ATOMS: atom_id res chain seq x y z
N THR A 2 8.95 -10.63 44.90
CA THR A 2 7.51 -10.42 44.98
C THR A 2 6.77 -11.23 43.91
N GLU A 3 5.55 -11.66 44.26
CA GLU A 3 4.74 -12.49 43.38
C GLU A 3 4.39 -11.80 42.06
N ARG A 4 4.34 -12.58 40.98
CA ARG A 4 4.01 -12.01 39.67
C ARG A 4 2.55 -12.21 39.34
N ILE A 5 1.98 -13.32 39.81
CA ILE A 5 0.57 -13.60 39.62
C ILE A 5 -0.25 -13.02 40.80
N ARG A 6 -0.66 -11.76 40.70
CA ARG A 6 -1.30 -11.08 41.81
C ARG A 6 -2.76 -11.46 41.98
N ASN A 7 -3.32 -12.17 41.01
CA ASN A 7 -4.65 -12.71 41.15
C ASN A 7 -4.55 -14.11 41.73
N VAL A 8 -5.03 -14.28 42.96
CA VAL A 8 -4.79 -15.52 43.69
C VAL A 8 -5.50 -16.75 43.12
N ALA A 9 -6.74 -16.57 42.64
CA ALA A 9 -7.52 -17.68 42.12
C ALA A 9 -6.83 -18.35 40.93
N LEU A 10 -6.06 -17.58 40.19
CA LEU A 10 -5.46 -18.05 38.95
C LEU A 10 -4.22 -18.92 39.18
N ARG A 11 -3.56 -18.74 40.33
CA ARG A 11 -2.41 -19.57 40.69
C ARG A 11 -2.69 -21.07 40.68
N SER A 12 -3.95 -21.45 40.78
CA SER A 12 -4.32 -22.86 40.76
C SER A 12 -4.24 -23.43 39.34
N LYS A 13 -4.06 -22.55 38.36
CA LYS A 13 -3.94 -22.98 36.99
C LYS A 13 -2.48 -23.10 36.53
N VAL A 14 -1.55 -22.67 37.39
CA VAL A 14 -0.14 -22.96 37.18
C VAL A 14 0.11 -24.47 36.99
N CYS A 15 0.68 -24.83 35.84
CA CYS A 15 1.16 -26.18 35.61
C CYS A 15 2.51 -26.12 34.89
N PRO A 16 3.25 -27.24 34.85
CA PRO A 16 4.59 -27.19 34.23
C PRO A 16 4.55 -27.05 32.70
N ALA A 17 5.64 -26.54 32.13
CA ALA A 17 5.75 -26.36 30.67
C ALA A 17 5.42 -27.62 29.83
N GLU A 18 5.91 -28.77 30.29
CA GLU A 18 5.66 -30.02 29.59
C GLU A 18 4.17 -30.34 29.54
N THR A 19 3.50 -30.23 30.68
CA THR A 19 2.09 -30.56 30.78
C THR A 19 1.24 -29.55 30.01
N ALA A 20 1.64 -28.28 30.07
CA ALA A 20 0.98 -27.23 29.30
C ALA A 20 1.02 -27.50 27.78
N SER A 21 2.17 -27.94 27.28
CA SER A 21 2.33 -28.20 25.84
C SER A 21 1.49 -29.37 25.32
N GLU A 22 1.05 -30.25 26.20
CA GLU A 22 0.21 -31.35 25.76
C GLU A 22 -1.17 -30.85 25.34
N LEU A 23 -1.46 -29.60 25.69
CA LEU A 23 -2.72 -28.97 25.32
C LEU A 23 -2.77 -28.67 23.82
N ILE A 24 -1.59 -28.55 23.22
CA ILE A 24 -1.44 -28.26 21.80
C ILE A 24 -1.40 -29.55 20.98
N LYS A 25 -2.36 -29.67 20.07
CA LYS A 25 -2.52 -30.88 19.27
C LYS A 25 -1.98 -30.70 17.84
N HIS A 26 -1.86 -31.81 17.11
CA HIS A 26 -1.43 -31.76 15.72
C HIS A 26 -2.48 -31.04 14.88
N GLY A 27 -2.03 -30.15 13.98
CA GLY A 27 -2.93 -29.41 13.12
C GLY A 27 -3.47 -28.13 13.72
N ASP A 28 -3.09 -27.82 14.96
CA ASP A 28 -3.57 -26.62 15.65
C ASP A 28 -2.96 -25.35 15.08
N VAL A 29 -3.82 -24.36 14.83
CA VAL A 29 -3.35 -23.01 14.60
C VAL A 29 -3.04 -22.36 15.96
N VAL A 30 -1.79 -21.92 16.14
CA VAL A 30 -1.34 -21.39 17.41
C VAL A 30 -0.90 -19.93 17.27
N GLY A 31 -1.59 -19.03 17.99
CA GLY A 31 -1.22 -17.63 18.03
C GLY A 31 -0.35 -17.30 19.22
N THR A 32 0.84 -16.76 18.98
CA THR A 32 1.74 -16.45 20.09
C THR A 32 2.11 -14.97 20.19
N SER A 33 2.61 -14.57 21.34
CA SER A 33 3.21 -13.25 21.46
C SER A 33 4.57 -13.35 20.78
N GLY A 34 5.30 -12.25 20.71
CA GLY A 34 6.60 -12.23 20.05
C GLY A 34 6.65 -11.28 18.85
N PHE A 35 7.57 -10.34 18.92
CA PHE A 35 7.68 -9.30 17.91
C PHE A 35 9.13 -8.79 17.95
N THR A 36 9.82 -8.90 16.83
CA THR A 36 11.26 -8.60 16.70
C THR A 36 12.13 -9.15 17.83
N GLY A 37 11.91 -10.39 18.19
CA GLY A 37 12.72 -11.04 19.19
C GLY A 37 12.45 -10.58 20.60
N ALA A 38 11.26 -10.03 20.81
CA ALA A 38 10.86 -9.59 22.15
C ALA A 38 9.53 -10.20 22.55
N GLY A 39 9.49 -10.80 23.73
CA GLY A 39 8.25 -11.20 24.35
C GLY A 39 7.56 -12.43 23.79
N TYR A 40 8.31 -13.29 23.12
CA TYR A 40 7.73 -14.53 22.61
C TYR A 40 7.77 -15.58 23.70
N PRO A 41 6.83 -16.54 23.66
CA PRO A 41 6.81 -17.62 24.65
C PRO A 41 8.06 -18.50 24.48
N LYS A 42 8.59 -19.05 25.56
CA LYS A 42 9.89 -19.69 25.52
C LYS A 42 9.91 -21.13 26.02
N GLU A 43 9.33 -21.39 27.19
CA GLU A 43 9.38 -22.74 27.77
C GLU A 43 8.44 -23.75 27.11
N VAL A 44 7.19 -23.40 26.95
CA VAL A 44 6.22 -24.28 26.30
C VAL A 44 6.65 -24.75 24.88
N PRO A 45 7.26 -23.86 24.09
CA PRO A 45 7.73 -24.29 22.77
C PRO A 45 8.89 -25.31 22.81
N LYS A 46 9.83 -25.14 23.72
CA LYS A 46 10.89 -26.14 23.85
C LYS A 46 10.27 -27.49 24.14
N ALA A 47 9.41 -27.52 25.16
CA ALA A 47 8.76 -28.77 25.57
C ALA A 47 7.92 -29.36 24.45
N LEU A 48 7.27 -28.49 23.70
CA LEU A 48 6.46 -28.92 22.56
C LEU A 48 7.36 -29.45 21.45
N ALA A 49 8.57 -28.88 21.35
CA ALA A 49 9.52 -29.30 20.34
C ALA A 49 9.90 -30.76 20.57
N GLN A 50 10.43 -31.05 21.76
CA GLN A 50 10.79 -32.40 22.14
C GLN A 50 9.69 -33.41 21.88
N ARG A 51 8.48 -33.11 22.34
CA ARG A 51 7.37 -34.04 22.16
C ARG A 51 7.04 -34.25 20.69
N MET A 52 7.43 -33.30 19.84
CA MET A 52 7.20 -33.40 18.41
C MET A 52 8.18 -34.38 17.76
N GLU A 53 9.46 -34.26 18.10
CA GLU A 53 10.46 -35.21 17.61
C GLU A 53 10.07 -36.62 18.00
N ALA A 54 9.60 -36.80 19.23
CA ALA A 54 9.16 -38.10 19.71
C ALA A 54 8.08 -38.69 18.81
N ALA A 55 7.03 -37.91 18.58
CA ALA A 55 5.89 -38.39 17.78
C ALA A 55 6.32 -38.74 16.35
N HIS A 56 7.38 -38.08 15.89
CA HIS A 56 7.89 -38.33 14.54
C HIS A 56 8.63 -39.67 14.44
N ASP A 57 9.50 -39.96 15.41
CA ASP A 57 10.20 -41.24 15.43
C ASP A 57 9.23 -42.43 15.45
N ARG A 58 8.12 -42.29 16.16
CA ARG A 58 7.08 -43.32 16.19
C ARG A 58 6.15 -43.21 14.98
N GLY A 59 6.53 -42.35 14.03
CA GLY A 59 5.79 -42.21 12.79
C GLY A 59 4.45 -41.49 12.91
N GLU A 60 4.29 -40.66 13.93
CA GLU A 60 3.06 -39.88 14.08
C GLU A 60 3.26 -38.43 13.61
N LYS A 61 2.26 -37.89 12.92
CA LYS A 61 2.31 -36.52 12.45
C LYS A 61 2.16 -35.55 13.62
N TYR A 62 3.04 -34.55 13.71
CA TYR A 62 2.91 -33.54 14.75
C TYR A 62 3.41 -32.17 14.29
N GLN A 63 2.51 -31.42 13.65
CA GLN A 63 2.82 -30.08 13.15
C GLN A 63 1.73 -29.06 13.47
N ILE A 64 2.14 -27.81 13.66
CA ILE A 64 1.19 -26.73 13.89
C ILE A 64 1.35 -25.61 12.87
N SER A 65 0.31 -24.77 12.77
CA SER A 65 0.43 -23.50 12.09
C SER A 65 0.82 -22.44 13.13
N LEU A 66 1.89 -21.69 12.87
CA LEU A 66 2.43 -20.77 13.86
C LEU A 66 2.26 -19.30 13.44
N ILE A 67 1.24 -18.65 13.99
CA ILE A 67 1.00 -17.24 13.73
C ILE A 67 1.50 -16.39 14.87
N THR A 68 2.32 -15.40 14.57
CA THR A 68 2.92 -14.57 15.61
C THR A 68 2.60 -13.10 15.40
N GLY A 69 3.31 -12.25 16.13
CA GLY A 69 3.24 -10.82 15.89
C GLY A 69 4.19 -10.48 14.76
N ALA A 70 5.46 -10.72 15.01
CA ALA A 70 6.50 -10.66 13.97
C ALA A 70 7.51 -11.78 14.24
N SER A 71 8.80 -11.47 14.15
CA SER A 71 9.85 -12.47 14.38
C SER A 71 9.98 -12.83 15.86
N THR A 72 10.46 -14.03 16.15
CA THR A 72 10.58 -14.47 17.54
C THR A 72 12.03 -14.72 17.94
N GLY A 73 12.35 -15.96 18.31
CA GLY A 73 13.70 -16.29 18.74
C GLY A 73 14.03 -17.77 18.67
N PRO A 74 15.20 -18.15 19.19
CA PRO A 74 15.67 -19.54 19.19
C PRO A 74 14.75 -20.51 19.92
N GLN A 75 14.18 -20.10 21.05
CA GLN A 75 13.32 -20.98 21.86
C GLN A 75 12.05 -21.36 21.11
N LEU A 76 11.70 -20.59 20.09
CA LEU A 76 10.41 -20.75 19.45
C LEU A 76 10.56 -21.13 17.97
N ASP A 77 10.94 -20.16 17.14
CA ASP A 77 11.11 -20.43 15.72
C ASP A 77 12.21 -21.48 15.54
N GLY A 78 13.34 -21.26 16.19
CA GLY A 78 14.46 -22.19 16.17
C GLY A 78 14.09 -23.62 16.54
N GLU A 79 13.54 -23.82 17.74
CA GLU A 79 13.28 -25.17 18.24
C GLU A 79 12.23 -25.92 17.44
N LEU A 80 11.20 -25.23 17.00
CA LEU A 80 10.16 -25.89 16.24
C LEU A 80 10.61 -26.18 14.82
N ALA A 81 11.52 -25.33 14.30
CA ALA A 81 12.09 -25.56 12.98
C ALA A 81 13.00 -26.80 12.99
N LYS A 82 13.83 -26.90 14.03
CA LYS A 82 14.69 -28.07 14.18
C LYS A 82 13.86 -29.35 14.35
N ALA A 83 12.74 -29.23 15.04
CA ALA A 83 11.91 -30.38 15.32
C ALA A 83 10.98 -30.64 14.16
N ASN A 84 11.05 -29.75 13.16
CA ASN A 84 10.21 -29.86 11.96
C ASN A 84 8.71 -29.88 12.31
N GLY A 85 8.31 -29.02 13.24
CA GLY A 85 6.95 -29.06 13.74
C GLY A 85 5.98 -28.03 13.18
N VAL A 86 6.39 -27.31 12.13
CA VAL A 86 5.60 -26.19 11.61
C VAL A 86 5.18 -26.36 10.15
N TYR A 87 3.91 -26.60 9.90
CA TYR A 87 3.44 -26.71 8.52
C TYR A 87 3.16 -25.36 7.86
N PHE A 88 2.74 -24.38 8.66
CA PHE A 88 2.50 -23.03 8.17
C PHE A 88 3.03 -21.99 9.14
N ARG A 89 3.53 -20.88 8.60
CA ARG A 89 4.14 -19.79 9.37
C ARG A 89 3.79 -18.41 8.78
N SER A 90 3.49 -17.46 9.67
CA SER A 90 3.13 -16.10 9.29
C SER A 90 3.23 -15.22 10.54
N PRO A 91 3.60 -13.93 10.38
CA PRO A 91 3.91 -13.22 9.14
C PRO A 91 5.39 -12.83 8.96
N PHE A 92 6.25 -13.14 9.92
CA PHE A 92 7.60 -12.59 9.83
C PHE A 92 8.55 -13.42 10.65
N ASN A 93 9.68 -13.76 10.05
CA ASN A 93 10.68 -14.58 10.72
C ASN A 93 12.12 -14.14 10.46
N THR A 94 12.98 -14.31 11.45
CA THR A 94 14.41 -14.01 11.30
C THR A 94 15.31 -15.17 11.73
N ASP A 95 14.70 -16.30 12.09
CA ASP A 95 15.45 -17.48 12.54
C ASP A 95 16.00 -18.31 11.37
N ALA A 96 17.27 -18.69 11.47
CA ALA A 96 17.93 -19.39 10.37
C ALA A 96 17.34 -20.76 10.07
N THR A 97 17.14 -21.56 11.10
CA THR A 97 16.62 -22.89 10.90
C THR A 97 15.25 -22.78 10.22
N MET A 98 14.45 -21.83 10.70
CA MET A 98 13.11 -21.60 10.18
C MET A 98 13.14 -21.02 8.76
N ARG A 99 14.05 -20.08 8.52
CA ARG A 99 14.28 -19.56 7.17
C ARG A 99 14.62 -20.69 6.19
N ASN A 100 15.47 -21.61 6.61
CA ASN A 100 15.84 -22.73 5.75
C ASN A 100 14.66 -23.66 5.47
N ARG A 101 13.87 -23.99 6.47
CA ARG A 101 12.67 -24.80 6.25
C ARG A 101 11.76 -24.15 5.20
N ILE A 102 11.65 -22.83 5.29
CA ILE A 102 10.81 -22.05 4.37
C ILE A 102 11.37 -22.11 2.95
N ASN A 103 12.67 -21.88 2.83
CA ASN A 103 13.34 -21.85 1.54
C ASN A 103 13.53 -23.25 0.92
N ALA A 104 13.23 -24.29 1.68
CA ALA A 104 13.28 -25.66 1.20
C ALA A 104 11.87 -26.21 0.91
N GLY A 105 10.85 -25.40 1.20
CA GLY A 105 9.48 -25.75 0.92
C GLY A 105 8.88 -26.67 1.98
N GLU A 106 9.56 -26.78 3.11
CA GLU A 106 9.10 -27.64 4.21
C GLU A 106 8.17 -26.92 5.19
N THR A 107 8.27 -25.60 5.26
CA THR A 107 7.28 -24.82 5.96
C THR A 107 6.68 -23.82 5.00
N GLU A 108 5.35 -23.82 4.89
CA GLU A 108 4.65 -22.86 4.07
C GLU A 108 4.69 -21.51 4.77
N TYR A 109 4.82 -20.43 4.00
CA TYR A 109 5.06 -19.11 4.56
C TYR A 109 4.34 -18.04 3.76
N PHE A 110 3.70 -17.11 4.45
CA PHE A 110 3.20 -15.91 3.81
C PHE A 110 3.44 -14.73 4.73
N ASP A 111 4.23 -13.77 4.26
CA ASP A 111 4.58 -12.59 5.07
C ASP A 111 3.60 -11.43 4.85
N ASN A 112 2.48 -11.46 5.57
CA ASN A 112 1.49 -10.39 5.53
C ASN A 112 2.04 -9.07 6.07
N HIS A 113 1.52 -7.96 5.57
CA HIS A 113 1.82 -6.67 6.16
C HIS A 113 1.56 -6.80 7.66
N LEU A 114 2.51 -6.35 8.47
CA LEU A 114 2.38 -6.53 9.92
C LEU A 114 1.09 -5.94 10.52
N GLY A 115 0.72 -4.75 10.08
CA GLY A 115 -0.43 -4.07 10.61
C GLY A 115 -1.76 -4.72 10.25
N GLN A 116 -1.70 -5.69 9.33
CA GLN A 116 -2.92 -6.30 8.78
C GLN A 116 -3.22 -7.67 9.34
N VAL A 117 -2.26 -8.23 10.07
CA VAL A 117 -2.31 -9.62 10.48
C VAL A 117 -3.51 -9.92 11.38
N ALA A 118 -3.69 -9.07 12.40
CA ALA A 118 -4.82 -9.21 13.32
C ALA A 118 -6.17 -9.24 12.59
N GLY A 119 -6.39 -8.26 11.71
CA GLY A 119 -7.59 -8.20 10.89
C GLY A 119 -7.80 -9.47 10.07
N ARG A 120 -6.72 -9.99 9.51
CA ARG A 120 -6.85 -11.17 8.68
C ARG A 120 -7.09 -12.40 9.54
N ALA A 121 -6.45 -12.47 10.70
CA ALA A 121 -6.76 -13.49 11.68
C ALA A 121 -8.26 -13.48 12.08
N VAL A 122 -8.80 -12.28 12.34
CA VAL A 122 -10.21 -12.15 12.69
C VAL A 122 -11.15 -12.52 11.55
N GLN A 123 -10.69 -12.31 10.32
CA GLN A 123 -11.47 -12.66 9.12
C GLN A 123 -11.49 -14.17 8.87
N GLY A 124 -10.66 -14.90 9.62
CA GLY A 124 -10.52 -16.33 9.46
C GLY A 124 -9.45 -16.82 8.49
N ASN A 125 -8.64 -15.91 7.94
CA ASN A 125 -7.68 -16.28 6.88
C ASN A 125 -6.69 -17.38 7.26
N TYR A 126 -6.30 -17.43 8.53
CA TYR A 126 -5.34 -18.43 8.99
C TYR A 126 -6.06 -19.66 9.54
N GLY A 127 -7.39 -19.68 9.41
CA GLY A 127 -8.23 -20.67 10.04
C GLY A 127 -8.68 -20.28 11.44
N LYS A 128 -9.29 -21.22 12.15
CA LYS A 128 -9.69 -20.99 13.53
C LYS A 128 -8.53 -21.26 14.51
N PHE A 129 -8.34 -20.33 15.44
CA PHE A 129 -7.25 -20.40 16.39
C PHE A 129 -7.57 -21.33 17.56
N ASN A 130 -6.69 -22.30 17.78
CA ASN A 130 -6.88 -23.28 18.83
C ASN A 130 -6.18 -22.87 20.10
N ILE A 131 -5.06 -22.17 19.96
CA ILE A 131 -4.21 -21.82 21.10
C ILE A 131 -3.74 -20.39 21.00
N ALA A 132 -3.82 -19.67 22.12
CA ALA A 132 -3.11 -18.42 22.29
C ALA A 132 -2.03 -18.62 23.36
N LEU A 133 -0.77 -18.50 22.96
CA LEU A 133 0.34 -18.71 23.87
C LEU A 133 1.12 -17.42 24.06
N VAL A 134 0.93 -16.76 25.19
CA VAL A 134 1.44 -15.41 25.40
C VAL A 134 2.35 -15.29 26.61
N GLU A 135 3.46 -14.58 26.45
CA GLU A 135 4.34 -14.29 27.57
C GLU A 135 3.84 -13.05 28.31
N ALA A 136 3.88 -13.10 29.65
CA ALA A 136 3.39 -12.00 30.49
C ALA A 136 4.42 -11.60 31.54
N THR A 137 4.40 -10.33 31.92
CA THR A 137 5.26 -9.82 32.97
C THR A 137 4.66 -10.14 34.34
N ALA A 138 3.33 -10.22 34.37
CA ALA A 138 2.58 -10.33 35.62
C ALA A 138 1.10 -10.51 35.30
N ILE A 139 0.35 -11.00 36.26
CA ILE A 139 -1.11 -11.02 36.14
C ILE A 139 -1.71 -10.16 37.26
N THR A 140 -2.49 -9.16 36.88
CA THR A 140 -3.02 -8.22 37.88
C THR A 140 -4.11 -8.85 38.74
N GLU A 141 -4.52 -8.12 39.77
CA GLU A 141 -5.52 -8.62 40.73
C GLU A 141 -6.87 -8.96 40.11
N ASP A 142 -7.23 -8.27 39.03
CA ASP A 142 -8.48 -8.58 38.33
C ASP A 142 -8.32 -9.45 37.08
N GLY A 143 -7.16 -10.09 36.95
CA GLY A 143 -6.95 -11.07 35.89
C GLY A 143 -6.49 -10.51 34.56
N GLY A 144 -5.99 -9.28 34.58
CA GLY A 144 -5.41 -8.68 33.40
C GLY A 144 -3.99 -9.20 33.18
N ILE A 145 -3.60 -9.31 31.91
CA ILE A 145 -2.28 -9.81 31.55
C ILE A 145 -1.34 -8.67 31.16
N VAL A 146 -0.23 -8.54 31.87
CA VAL A 146 0.76 -7.52 31.54
C VAL A 146 1.69 -8.11 30.49
N PRO A 147 1.74 -7.48 29.31
CA PRO A 147 2.65 -7.99 28.26
C PRO A 147 4.10 -7.77 28.68
N THR A 148 5.03 -8.30 27.90
CA THR A 148 6.45 -8.14 28.24
C THR A 148 7.13 -7.12 27.34
N SER A 149 8.15 -7.53 26.60
CA SER A 149 8.93 -6.59 25.78
C SER A 149 8.26 -6.20 24.44
N SER A 150 7.08 -6.73 24.18
CA SER A 150 6.28 -6.31 23.03
C SER A 150 4.79 -6.51 23.27
N VAL A 151 3.96 -5.88 22.45
CA VAL A 151 2.53 -6.17 22.46
C VAL A 151 2.17 -7.06 21.26
N GLY A 152 2.68 -6.68 20.08
CA GLY A 152 2.37 -7.38 18.86
C GLY A 152 0.87 -7.58 18.64
N ASN A 153 0.50 -8.85 18.44
CA ASN A 153 -0.87 -9.25 18.16
C ASN A 153 -1.56 -9.95 19.34
N SER A 154 -0.95 -9.90 20.52
CA SER A 154 -1.40 -10.72 21.64
C SER A 154 -2.88 -10.55 21.99
N GLN A 155 -3.36 -9.33 21.99
CA GLN A 155 -4.76 -9.09 22.31
C GLN A 155 -5.70 -9.84 21.35
N THR A 156 -5.37 -9.82 20.07
CA THR A 156 -6.22 -10.45 19.06
C THR A 156 -6.20 -11.97 19.20
N PHE A 157 -5.02 -12.52 19.47
CA PHE A 157 -4.87 -13.95 19.71
C PHE A 157 -5.65 -14.41 20.95
N LEU A 158 -5.52 -13.69 22.06
CA LEU A 158 -6.34 -13.96 23.26
C LEU A 158 -7.84 -13.94 22.97
N ASN A 159 -8.27 -13.00 22.14
CA ASN A 159 -9.69 -12.92 21.80
C ASN A 159 -10.20 -14.11 20.99
N LEU A 160 -9.37 -14.58 20.05
CA LEU A 160 -9.78 -15.57 19.07
C LEU A 160 -9.62 -17.00 19.56
N ALA A 161 -8.56 -17.26 20.32
CA ALA A 161 -8.18 -18.64 20.63
C ALA A 161 -9.20 -19.33 21.54
N GLU A 162 -9.39 -20.62 21.30
CA GLU A 162 -10.28 -21.45 22.11
C GLU A 162 -9.69 -21.72 23.50
N LYS A 163 -8.38 -21.97 23.58
CA LYS A 163 -7.68 -22.13 24.85
C LYS A 163 -6.48 -21.19 24.94
N VAL A 164 -6.17 -20.74 26.16
CA VAL A 164 -5.11 -19.78 26.37
C VAL A 164 -4.04 -20.32 27.32
N ILE A 165 -2.77 -20.13 26.94
CA ILE A 165 -1.66 -20.44 27.83
C ILE A 165 -0.82 -19.20 28.09
N ILE A 166 -0.61 -18.87 29.36
CA ILE A 166 0.23 -17.74 29.73
C ILE A 166 1.56 -18.19 30.32
N GLU A 167 2.65 -17.61 29.86
CA GLU A 167 3.95 -17.79 30.49
C GLU A 167 4.28 -16.53 31.26
N VAL A 168 4.48 -16.64 32.56
CA VAL A 168 4.91 -15.50 33.36
C VAL A 168 6.42 -15.59 33.55
N ASN A 169 7.14 -14.64 32.97
CA ASN A 169 8.58 -14.72 32.86
C ASN A 169 9.29 -13.77 33.81
N GLU A 170 9.85 -14.34 34.87
CA GLU A 170 10.53 -13.59 35.91
C GLU A 170 11.71 -12.78 35.39
N TRP A 171 12.17 -13.09 34.19
CA TRP A 171 13.35 -12.41 33.65
C TRP A 171 13.00 -10.99 33.25
N GLN A 172 11.73 -10.79 32.89
CA GLN A 172 11.25 -9.51 32.40
C GLN A 172 11.02 -8.54 33.56
N ASN A 173 11.60 -7.35 33.43
CA ASN A 173 11.50 -6.34 34.48
C ASN A 173 10.05 -6.02 34.86
N PRO A 174 9.72 -6.10 36.16
CA PRO A 174 8.36 -5.89 36.66
C PRO A 174 7.85 -4.47 36.36
N MET A 175 8.78 -3.53 36.18
CA MET A 175 8.42 -2.16 35.84
C MET A 175 8.00 -1.97 34.39
N LEU A 176 7.97 -3.05 33.61
CA LEU A 176 7.34 -3.01 32.30
C LEU A 176 5.83 -2.76 32.47
N GLU A 177 5.30 -3.07 33.65
CA GLU A 177 3.89 -2.83 33.92
C GLU A 177 3.60 -1.34 33.87
N GLY A 178 2.67 -0.94 33.01
CA GLY A 178 2.37 0.46 32.85
C GLY A 178 2.90 1.06 31.56
N ILE A 179 3.77 0.32 30.87
CA ILE A 179 4.40 0.85 29.67
C ILE A 179 3.57 0.62 28.40
N HIS A 180 2.60 -0.28 28.49
CA HIS A 180 1.76 -0.64 27.33
C HIS A 180 0.47 0.15 27.25
N ASP A 181 -0.03 0.29 26.03
CA ASP A 181 -1.31 0.94 25.83
C ASP A 181 -2.19 0.06 24.97
N ILE A 182 -3.08 -0.69 25.63
CA ILE A 182 -3.95 -1.65 24.98
C ILE A 182 -5.35 -1.07 24.81
N TRP A 183 -5.83 -1.02 23.58
CA TRP A 183 -7.16 -0.46 23.32
C TRP A 183 -8.24 -1.53 23.25
N ASP A 184 -9.39 -1.27 23.85
CA ASP A 184 -10.52 -2.18 23.73
C ASP A 184 -11.42 -1.77 22.56
N GLY A 185 -11.02 -0.71 21.86
CA GLY A 185 -11.60 -0.35 20.59
C GLY A 185 -11.58 -1.48 19.57
N ASN A 186 -12.45 -1.37 18.58
CA ASN A 186 -12.44 -2.30 17.47
C ASN A 186 -11.54 -1.76 16.36
N VAL A 187 -10.28 -2.20 16.38
CA VAL A 187 -9.27 -1.77 15.41
C VAL A 187 -9.28 -2.69 14.20
N SER A 188 -9.41 -3.99 14.47
CA SER A 188 -9.17 -5.00 13.44
C SER A 188 -10.30 -6.02 13.36
N GLY A 189 -11.46 -5.66 13.90
CA GLY A 189 -12.59 -6.57 13.96
C GLY A 189 -13.58 -6.40 12.84
N VAL A 190 -14.82 -6.84 13.06
CA VAL A 190 -15.87 -6.72 12.06
C VAL A 190 -16.19 -5.25 11.77
N PRO A 191 -16.20 -4.85 10.49
CA PRO A 191 -16.52 -3.46 10.16
C PRO A 191 -18.00 -3.15 10.43
N THR A 192 -18.33 -1.90 10.71
CA THR A 192 -17.40 -0.78 10.72
C THR A 192 -16.51 -0.75 11.96
N ARG A 193 -15.21 -0.55 11.75
CA ARG A 193 -14.25 -0.41 12.84
C ARG A 193 -14.34 0.95 13.53
N ASP A 194 -13.77 1.04 14.73
CA ASP A 194 -13.69 2.32 15.45
C ASP A 194 -12.66 3.24 14.83
N ILE A 195 -12.91 4.53 14.95
CA ILE A 195 -11.86 5.49 14.71
C ILE A 195 -10.85 5.27 15.85
N VAL A 196 -9.59 5.10 15.51
CA VAL A 196 -8.56 5.04 16.53
C VAL A 196 -8.04 6.45 16.70
N PRO A 197 -8.38 7.08 17.85
CA PRO A 197 -8.28 8.54 17.99
C PRO A 197 -6.91 9.07 18.39
N ILE A 198 -5.85 8.38 18.00
CA ILE A 198 -4.50 8.89 18.22
C ILE A 198 -4.19 10.08 17.32
N VAL A 199 -3.83 11.20 17.94
CA VAL A 199 -3.51 12.43 17.19
C VAL A 199 -2.16 13.00 17.60
N ARG A 200 -1.47 12.29 18.50
CA ARG A 200 -0.10 12.65 18.84
C ARG A 200 0.64 11.40 19.25
N ALA A 201 1.90 11.30 18.84
CA ALA A 201 2.66 10.08 19.04
C ALA A 201 2.71 9.59 20.50
N ASP A 202 2.59 10.49 21.47
CA ASP A 202 2.65 10.11 22.89
C ASP A 202 1.30 9.85 23.57
N GLN A 203 0.21 9.89 22.80
CA GLN A 203 -1.12 9.74 23.39
C GLN A 203 -1.43 8.32 23.86
N ARG A 204 -2.02 8.20 25.03
CA ARG A 204 -2.55 6.91 25.46
C ARG A 204 -4.07 6.92 25.29
N VAL A 205 -4.66 5.82 24.83
CA VAL A 205 -6.10 5.73 24.59
C VAL A 205 -6.70 4.50 25.21
N GLY A 206 -5.85 3.65 25.79
CA GLY A 206 -6.31 2.40 26.35
C GLY A 206 -5.77 2.18 27.75
N GLY A 207 -5.51 0.94 28.09
CA GLY A 207 -5.07 0.59 29.43
C GLY A 207 -3.84 -0.28 29.40
N PRO A 208 -3.29 -0.58 30.59
CA PRO A 208 -1.99 -1.23 30.68
C PRO A 208 -2.01 -2.75 30.52
N VAL A 209 -3.18 -3.38 30.36
CA VAL A 209 -3.19 -4.84 30.30
C VAL A 209 -3.99 -5.41 29.16
N LEU A 210 -3.67 -6.64 28.80
CA LEU A 210 -4.49 -7.43 27.87
C LEU A 210 -5.62 -8.05 28.65
N ARG A 211 -6.77 -8.16 28.03
CA ARG A 211 -7.92 -8.72 28.70
C ARG A 211 -8.23 -10.09 28.10
N VAL A 212 -8.52 -11.05 28.96
CA VAL A 212 -9.00 -12.34 28.49
C VAL A 212 -9.96 -12.92 29.49
N ASN A 213 -11.01 -13.56 29.00
CA ASN A 213 -11.86 -14.38 29.87
C ASN A 213 -11.06 -15.49 30.53
N PRO A 214 -11.02 -15.49 31.88
CA PRO A 214 -10.23 -16.46 32.64
C PRO A 214 -10.69 -17.91 32.52
N ASP A 215 -11.89 -18.16 32.02
CA ASP A 215 -12.33 -19.54 31.76
C ASP A 215 -11.57 -20.16 30.58
N LYS A 216 -10.89 -19.31 29.82
CA LYS A 216 -10.16 -19.76 28.66
C LYS A 216 -8.73 -20.08 29.03
N ILE A 217 -8.24 -19.46 30.09
CA ILE A 217 -6.88 -19.76 30.51
C ILE A 217 -6.78 -21.22 30.94
N ALA A 218 -6.18 -22.04 30.09
CA ALA A 218 -6.09 -23.46 30.36
C ALA A 218 -4.81 -23.83 31.11
N ALA A 219 -3.89 -22.87 31.23
CA ALA A 219 -2.63 -23.13 31.89
C ALA A 219 -1.78 -21.88 31.99
N ILE A 220 -1.07 -21.77 33.10
CA ILE A 220 -0.12 -20.70 33.31
C ILE A 220 1.18 -21.36 33.69
N VAL A 221 2.28 -20.92 33.06
CA VAL A 221 3.57 -21.53 33.25
C VAL A 221 4.57 -20.49 33.74
N ARG A 222 5.28 -20.78 34.83
CA ARG A 222 6.28 -19.85 35.33
C ARG A 222 7.59 -20.07 34.59
N THR A 223 8.25 -18.97 34.22
CA THR A 223 9.48 -19.09 33.46
C THR A 223 10.50 -18.08 33.91
N ASN A 224 11.73 -18.28 33.44
CA ASN A 224 12.83 -17.36 33.70
C ASN A 224 13.83 -17.58 32.56
N ASP A 225 13.66 -16.80 31.49
CA ASP A 225 14.45 -16.97 30.27
C ASP A 225 14.58 -15.65 29.52
N ARG A 226 15.73 -15.42 28.91
CA ARG A 226 16.02 -14.16 28.25
C ARG A 226 15.42 -14.06 26.84
N ASP A 227 14.98 -12.85 26.48
CA ASP A 227 14.75 -12.50 25.10
C ASP A 227 16.09 -12.62 24.45
N ARG A 228 16.28 -13.61 23.60
CA ARG A 228 17.54 -13.69 22.89
C ARG A 228 17.48 -12.79 21.67
N ASN A 229 17.94 -11.56 21.88
CA ASN A 229 18.00 -10.59 20.81
C ASN A 229 19.44 -10.31 20.43
N ALA A 230 19.78 -10.65 19.19
CA ALA A 230 21.14 -10.55 18.67
C ALA A 230 21.66 -9.11 18.67
N PRO A 231 22.99 -8.96 18.69
CA PRO A 231 23.63 -7.64 18.72
C PRO A 231 23.55 -6.97 17.36
N PHE A 232 23.79 -5.67 17.33
CA PHE A 232 23.74 -4.94 16.08
C PHE A 232 25.13 -4.74 15.51
N ALA A 233 25.32 -5.23 14.30
CA ALA A 233 26.58 -5.06 13.57
C ALA A 233 27.22 -3.70 13.83
N ALA A 234 28.52 -3.70 14.05
CA ALA A 234 29.23 -2.45 14.28
C ALA A 234 29.09 -1.58 13.04
N PRO A 235 28.52 -0.37 13.19
CA PRO A 235 28.34 0.54 12.06
C PRO A 235 29.66 0.77 11.33
N ASP A 236 29.72 0.47 10.04
CA ASP A 236 30.95 0.59 9.25
C ASP A 236 31.05 1.87 8.40
N GLU A 237 31.83 1.80 7.31
CA GLU A 237 32.11 2.98 6.49
C GLU A 237 30.84 3.41 5.81
N THR A 238 30.07 2.41 5.47
CA THR A 238 28.87 2.60 4.70
C THR A 238 27.78 3.23 5.56
N ALA A 239 27.54 2.63 6.72
CA ALA A 239 26.57 3.14 7.68
C ALA A 239 26.73 4.65 7.88
N LYS A 240 27.96 5.09 8.18
CA LYS A 240 28.24 6.50 8.45
C LYS A 240 27.96 7.41 7.24
N ALA A 241 28.46 7.03 6.07
CA ALA A 241 28.22 7.81 4.85
C ALA A 241 26.71 8.04 4.63
N ILE A 242 25.96 6.95 4.67
CA ILE A 242 24.51 6.97 4.52
C ILE A 242 23.87 7.93 5.53
N ALA A 243 24.21 7.76 6.81
CA ALA A 243 23.70 8.65 7.86
C ALA A 243 23.95 10.12 7.50
N GLY A 244 25.17 10.44 7.08
CA GLY A 244 25.52 11.79 6.71
C GLY A 244 24.65 12.34 5.58
N TYR A 245 24.55 11.60 4.47
CA TYR A 245 23.72 12.04 3.35
C TYR A 245 22.29 12.35 3.79
N LEU A 246 21.73 11.47 4.60
CA LEU A 246 20.38 11.65 5.11
C LEU A 246 20.30 12.88 6.01
N LEU A 247 21.15 12.97 7.01
CA LEU A 247 21.20 14.16 7.87
C LEU A 247 21.26 15.48 7.09
N ASP A 248 22.15 15.56 6.11
CA ASP A 248 22.23 16.72 5.23
C ASP A 248 20.88 17.00 4.56
N PHE A 249 20.23 15.93 4.10
CA PHE A 249 18.96 16.04 3.42
C PHE A 249 17.88 16.60 4.34
N PHE A 250 17.84 16.08 5.57
CA PHE A 250 16.91 16.59 6.55
C PHE A 250 17.20 18.06 6.76
N GLY A 251 18.46 18.38 7.00
CA GLY A 251 18.87 19.77 7.18
C GLY A 251 18.35 20.69 6.10
N HIS A 252 18.45 20.27 4.84
CA HIS A 252 18.03 21.09 3.72
C HIS A 252 16.50 21.17 3.65
N GLU A 253 15.82 20.12 4.07
CA GLU A 253 14.36 20.15 4.12
C GLU A 253 13.91 21.23 5.10
N VAL A 254 14.52 21.22 6.28
CA VAL A 254 14.23 22.21 7.30
C VAL A 254 14.46 23.63 6.78
N LYS A 255 15.62 23.87 6.17
CA LYS A 255 15.94 25.18 5.62
C LYS A 255 14.90 25.66 4.60
N GLN A 256 14.43 24.73 3.76
CA GLN A 256 13.43 25.05 2.73
C GLN A 256 12.02 25.08 3.30
N ASN A 257 11.91 24.87 4.60
CA ASN A 257 10.64 24.85 5.33
C ASN A 257 9.64 23.83 4.78
N ARG A 258 10.16 22.65 4.45
CA ARG A 258 9.37 21.49 4.04
C ARG A 258 9.32 20.49 5.20
N LEU A 259 10.10 20.76 6.24
CA LEU A 259 10.07 20.00 7.47
C LEU A 259 10.28 21.00 8.60
N PRO A 260 9.73 20.70 9.78
CA PRO A 260 10.01 21.51 10.96
C PRO A 260 11.34 21.11 11.59
N PRO A 261 11.92 21.97 12.44
CA PRO A 261 13.26 21.74 13.02
C PRO A 261 13.35 20.48 13.85
N SER A 262 12.22 20.01 14.38
CA SER A 262 12.18 18.76 15.15
C SER A 262 11.68 17.62 14.26
N LEU A 263 11.75 17.85 12.96
CA LEU A 263 11.36 16.86 11.96
C LEU A 263 9.91 16.42 12.14
N LEU A 264 9.63 15.16 11.85
CA LEU A 264 8.30 14.59 12.05
C LEU A 264 8.50 13.30 12.80
N PRO A 265 7.40 12.64 13.21
CA PRO A 265 7.54 11.36 13.92
C PRO A 265 8.26 10.32 13.05
N LEU A 266 9.25 9.65 13.64
CA LEU A 266 10.20 8.84 12.90
C LEU A 266 9.96 7.35 13.06
N GLN A 267 9.98 6.62 11.94
CA GLN A 267 9.94 5.17 11.97
C GLN A 267 11.23 4.65 11.35
N SER A 268 11.87 3.72 12.05
CA SER A 268 13.07 3.06 11.56
C SER A 268 12.81 1.58 11.62
N GLY A 269 13.07 0.89 10.51
CA GLY A 269 12.72 -0.52 10.37
C GLY A 269 13.75 -1.47 10.95
N VAL A 270 13.41 -2.75 11.00
CA VAL A 270 14.37 -3.78 11.43
C VAL A 270 15.61 -3.80 10.51
N GLY A 271 16.76 -4.12 11.11
CA GLY A 271 17.99 -4.22 10.35
C GLY A 271 19.09 -3.32 10.84
N ASN A 272 20.32 -3.70 10.48
CA ASN A 272 21.55 -3.01 10.85
C ASN A 272 21.67 -1.58 10.32
N VAL A 273 21.33 -1.40 9.05
CA VAL A 273 21.48 -0.11 8.35
C VAL A 273 20.62 1.01 8.92
N ALA A 274 19.31 0.74 9.02
CA ALA A 274 18.39 1.71 9.57
C ALA A 274 18.79 2.04 11.01
N ASN A 275 19.28 1.04 11.74
CA ASN A 275 19.75 1.27 13.10
C ASN A 275 20.97 2.20 13.13
N ALA A 276 21.93 1.94 12.26
CA ALA A 276 23.13 2.76 12.14
C ALA A 276 22.84 4.24 11.84
N VAL A 277 21.83 4.50 11.02
CA VAL A 277 21.39 5.87 10.80
C VAL A 277 20.84 6.57 12.06
N LEU A 278 20.15 5.81 12.91
CA LEU A 278 19.69 6.37 14.19
C LEU A 278 20.87 6.86 15.02
N GLU A 279 21.92 6.04 15.08
CA GLU A 279 23.17 6.40 15.73
C GLU A 279 23.70 7.74 15.22
N GLY A 280 23.54 7.98 13.92
CA GLY A 280 23.91 9.25 13.32
C GLY A 280 23.11 10.41 13.88
N LEU A 281 21.82 10.20 14.05
CA LEU A 281 20.93 11.22 14.59
C LEU A 281 21.19 11.55 16.06
N LYS A 282 21.60 10.55 16.83
CA LYS A 282 21.87 10.75 18.25
C LYS A 282 22.77 11.96 18.47
N GLU A 283 23.62 12.22 17.48
CA GLU A 283 24.64 13.27 17.57
C GLU A 283 24.30 14.48 16.70
N GLY A 284 23.38 14.30 15.77
CA GLY A 284 23.00 15.36 14.85
C GLY A 284 22.50 16.62 15.53
N PRO A 285 22.07 17.61 14.72
CA PRO A 285 21.60 18.94 15.16
C PRO A 285 20.08 19.05 15.32
N PHE A 286 19.40 17.92 15.47
CA PHE A 286 17.94 17.93 15.54
C PHE A 286 17.47 17.48 16.91
N GLU A 287 16.63 18.26 17.56
CA GLU A 287 16.10 17.85 18.86
C GLU A 287 14.58 17.92 18.93
N ASN A 288 14.03 17.44 20.06
CA ASN A 288 12.58 17.36 20.26
C ASN A 288 11.98 16.34 19.31
N LEU A 289 12.77 15.33 19.00
CA LEU A 289 12.37 14.30 18.07
C LEU A 289 11.37 13.40 18.75
N VAL A 290 10.52 12.80 17.94
CA VAL A 290 9.46 11.94 18.42
C VAL A 290 9.50 10.70 17.55
N GLY A 291 9.46 9.53 18.19
CA GLY A 291 9.39 8.29 17.44
C GLY A 291 7.99 7.71 17.37
N TYR A 292 7.52 7.43 16.16
CA TYR A 292 6.35 6.59 15.95
C TYR A 292 6.68 5.45 14.99
N SER A 293 7.02 4.30 15.54
CA SER A 293 7.62 3.23 14.75
C SER A 293 6.95 1.89 15.02
N ALA A 294 7.47 0.84 14.42
CA ALA A 294 7.04 -0.50 14.80
C ALA A 294 8.00 -1.06 15.84
N VAL A 295 9.26 -0.69 15.76
CA VAL A 295 10.26 -1.20 16.70
C VAL A 295 11.14 -0.10 17.24
N ILE A 296 11.61 -0.33 18.46
CA ILE A 296 12.63 0.50 19.08
C ILE A 296 13.91 -0.32 19.12
N GLN A 297 14.83 -0.01 18.22
CA GLN A 297 16.12 -0.69 18.18
C GLN A 297 17.16 0.08 18.99
N ASP A 298 18.30 -0.54 19.25
CA ASP A 298 19.36 0.08 20.05
C ASP A 298 19.49 1.58 19.80
N GLY A 299 19.63 1.95 18.53
CA GLY A 299 19.86 3.34 18.15
C GLY A 299 18.78 4.28 18.65
N MET A 300 17.53 3.84 18.58
CA MET A 300 16.42 4.67 19.06
C MET A 300 16.47 4.77 20.57
N LEU A 301 16.78 3.67 21.24
CA LEU A 301 16.92 3.68 22.69
C LEU A 301 18.01 4.67 23.05
N ALA A 302 19.02 4.75 22.19
CA ALA A 302 20.13 5.68 22.38
C ALA A 302 19.64 7.12 22.43
N MET A 303 18.84 7.51 21.44
CA MET A 303 18.35 8.88 21.37
C MET A 303 17.42 9.23 22.55
N LEU A 304 16.64 8.25 23.02
CA LEU A 304 15.81 8.45 24.20
C LEU A 304 16.70 8.81 25.37
N ASP A 305 17.74 8.01 25.58
CA ASP A 305 18.74 8.24 26.60
C ASP A 305 19.25 9.67 26.54
N SER A 306 19.90 10.01 25.43
CA SER A 306 20.48 11.34 25.24
C SER A 306 19.49 12.48 25.50
N GLY A 307 18.23 12.31 25.08
CA GLY A 307 17.21 13.33 25.30
C GLY A 307 16.88 14.06 24.01
N ARG A 308 17.51 13.61 22.93
CA ARG A 308 17.29 14.16 21.61
C ARG A 308 15.92 13.74 21.07
N MET A 309 15.52 12.53 21.42
CA MET A 309 14.17 12.07 21.15
C MET A 309 13.42 12.08 22.47
N ARG A 310 12.30 12.79 22.48
CA ARG A 310 11.53 12.98 23.71
C ARG A 310 10.76 11.71 24.08
N ILE A 311 10.13 11.10 23.08
CA ILE A 311 9.25 9.95 23.31
C ILE A 311 9.22 9.06 22.07
N ALA A 312 9.03 7.77 22.28
CA ALA A 312 8.97 6.82 21.19
C ALA A 312 7.81 5.85 21.33
N SER A 313 6.97 5.79 20.29
CA SER A 313 5.89 4.80 20.20
C SER A 313 6.33 3.64 19.31
N ALA A 314 5.94 2.44 19.68
CA ALA A 314 6.29 1.24 18.92
C ALA A 314 5.44 0.07 19.39
N SER A 315 5.70 -1.11 18.85
CA SER A 315 5.01 -2.30 19.33
C SER A 315 5.95 -3.15 20.19
N SER A 316 7.25 -2.95 20.02
CA SER A 316 8.23 -3.70 20.80
C SER A 316 9.57 -3.01 20.83
N PHE A 317 10.42 -3.42 21.78
CA PHE A 317 11.81 -3.06 21.63
C PHE A 317 12.60 -4.26 21.15
N SER A 318 13.46 -4.02 20.17
CA SER A 318 14.37 -5.03 19.66
C SER A 318 15.79 -4.60 19.98
N LEU A 319 16.28 -5.00 21.14
CA LEU A 319 17.53 -4.47 21.66
C LEU A 319 18.60 -5.54 21.76
N SER A 320 19.84 -5.16 21.44
CA SER A 320 20.98 -6.03 21.66
C SER A 320 21.09 -6.35 23.14
N PRO A 321 21.85 -7.39 23.49
CA PRO A 321 21.99 -7.78 24.89
C PRO A 321 22.55 -6.68 25.81
N GLU A 322 23.40 -5.79 25.29
CA GLU A 322 23.94 -4.71 26.12
C GLU A 322 22.89 -3.63 26.34
N ALA A 323 22.10 -3.36 25.31
CA ALA A 323 21.02 -2.37 25.40
C ALA A 323 19.85 -2.90 26.24
N ALA A 324 19.59 -4.20 26.12
CA ALA A 324 18.58 -4.85 26.95
C ALA A 324 18.94 -4.70 28.42
N GLU A 325 20.21 -4.83 28.73
CA GLU A 325 20.69 -4.67 30.09
C GLU A 325 20.43 -3.23 30.54
N GLU A 326 20.88 -2.29 29.73
CA GLU A 326 20.77 -0.86 30.04
C GLU A 326 19.36 -0.47 30.45
N ILE A 327 18.37 -1.16 29.91
CA ILE A 327 16.99 -0.80 30.17
C ILE A 327 16.42 -1.50 31.41
N ASN A 328 16.73 -2.79 31.57
CA ASN A 328 16.28 -3.53 32.75
C ASN A 328 16.78 -2.85 34.03
N ASN A 329 17.84 -2.04 33.89
CA ASN A 329 18.38 -1.28 35.01
C ASN A 329 17.64 0.04 35.16
N ARG A 330 17.74 0.86 34.12
CA ARG A 330 17.11 2.17 34.11
C ARG A 330 15.68 2.16 33.58
N MET A 331 14.95 1.10 33.92
CA MET A 331 13.56 0.94 33.50
C MET A 331 12.68 2.06 34.05
N ASP A 332 12.99 2.48 35.27
CA ASP A 332 12.34 3.60 35.91
C ASP A 332 12.31 4.85 35.01
N PHE A 333 13.42 5.10 34.31
CA PHE A 333 13.57 6.28 33.48
C PHE A 333 12.94 6.11 32.10
N PHE A 334 13.18 4.96 31.49
CA PHE A 334 12.69 4.69 30.15
C PHE A 334 11.17 4.47 30.09
N ARG A 335 10.60 3.84 31.11
CA ARG A 335 9.17 3.55 31.14
C ARG A 335 8.33 4.79 30.81
N SER A 336 8.91 5.98 30.94
CA SER A 336 8.14 7.20 30.74
C SER A 336 8.48 7.85 29.40
N LYS A 337 9.44 7.26 28.70
CA LYS A 337 9.81 7.73 27.37
C LYS A 337 9.17 6.88 26.27
N ILE A 338 8.55 5.77 26.66
CA ILE A 338 8.11 4.76 25.73
C ILE A 338 6.65 4.37 25.89
N ILE A 339 5.96 4.24 24.77
CA ILE A 339 4.65 3.60 24.75
C ILE A 339 4.70 2.38 23.82
N LEU A 340 4.30 1.22 24.33
CA LEU A 340 4.22 0.00 23.54
C LEU A 340 2.76 -0.30 23.16
N ARG A 341 2.46 -0.31 21.86
CA ARG A 341 1.08 -0.50 21.41
C ARG A 341 0.85 -1.82 20.68
N GLN A 342 -0.42 -2.15 20.44
CA GLN A 342 -0.74 -3.25 19.53
C GLN A 342 -0.18 -3.00 18.12
N GLN A 343 0.35 -4.04 17.48
CA GLN A 343 0.95 -3.85 16.17
C GLN A 343 -0.05 -3.34 15.13
N ASP A 344 -1.33 -3.64 15.31
CA ASP A 344 -2.33 -3.09 14.41
C ASP A 344 -2.68 -1.62 14.72
N VAL A 345 -2.13 -1.09 15.81
CA VAL A 345 -2.22 0.35 16.06
C VAL A 345 -0.91 1.03 15.68
N SER A 346 0.22 0.39 16.00
CA SER A 346 1.50 0.99 15.65
C SER A 346 1.69 1.04 14.14
N ASN A 347 1.14 0.04 13.44
CA ASN A 347 1.24 -0.04 11.99
C ASN A 347 -0.06 0.30 11.25
N SER A 348 -0.93 1.04 11.92
CA SER A 348 -2.15 1.50 11.29
C SER A 348 -1.86 2.63 10.32
N PRO A 349 -2.16 2.41 9.03
CA PRO A 349 -1.90 3.41 7.98
C PRO A 349 -2.66 4.71 8.17
N GLY A 350 -3.89 4.64 8.68
CA GLY A 350 -4.62 5.86 9.00
C GLY A 350 -3.89 6.75 10.00
N ILE A 351 -3.35 6.13 11.04
CA ILE A 351 -2.58 6.84 12.06
C ILE A 351 -1.24 7.32 11.52
N ILE A 352 -0.52 6.46 10.81
CA ILE A 352 0.78 6.80 10.24
C ILE A 352 0.67 8.03 9.34
N ARG A 353 -0.32 8.02 8.46
CA ARG A 353 -0.53 9.15 7.56
C ARG A 353 -0.89 10.42 8.33
N ARG A 354 -1.75 10.27 9.33
CA ARG A 354 -2.23 11.39 10.10
C ARG A 354 -1.11 12.13 10.86
N LEU A 355 -0.26 11.35 11.52
CA LEU A 355 0.91 11.88 12.20
C LEU A 355 1.95 12.38 11.21
N GLY A 356 1.88 11.88 9.97
CA GLY A 356 2.79 12.26 8.91
C GLY A 356 4.20 11.76 9.16
N CYS A 357 4.33 10.47 9.40
CA CYS A 357 5.61 9.85 9.73
C CYS A 357 6.63 9.87 8.60
N ILE A 358 7.90 9.92 8.98
CA ILE A 358 8.99 9.75 8.04
C ILE A 358 9.48 8.33 8.17
N ALA A 359 9.43 7.60 7.06
CA ALA A 359 9.68 6.17 7.09
C ALA A 359 11.09 5.84 6.56
N MET A 360 11.90 5.19 7.41
CA MET A 360 13.26 4.82 7.06
C MET A 360 13.41 3.31 7.14
N ASN A 361 13.57 2.66 6.00
CA ASN A 361 13.70 1.23 5.97
C ASN A 361 14.87 0.75 5.10
N GLY A 362 15.37 -0.45 5.40
CA GLY A 362 16.39 -1.08 4.60
C GLY A 362 15.78 -1.73 3.39
N MET A 363 16.62 -2.29 2.52
CA MET A 363 16.16 -3.04 1.38
C MET A 363 17.26 -3.98 0.94
N ILE A 364 16.88 -5.09 0.31
CA ILE A 364 17.80 -5.94 -0.44
C ILE A 364 18.31 -5.17 -1.66
N GLU A 365 17.38 -4.76 -2.53
CA GLU A 365 17.73 -4.07 -3.79
C GLU A 365 16.64 -3.10 -4.26
N ALA A 366 17.04 -2.25 -5.20
CA ALA A 366 16.06 -1.46 -5.95
C ALA A 366 16.51 -1.45 -7.39
N ASP A 367 15.57 -1.44 -8.32
CA ASP A 367 15.96 -1.34 -9.73
C ASP A 367 16.15 0.12 -10.12
N ILE A 368 16.55 0.37 -11.35
CA ILE A 368 16.92 1.73 -11.75
C ILE A 368 15.72 2.67 -11.66
N TYR A 369 14.51 2.09 -11.65
CA TYR A 369 13.31 2.90 -11.57
C TYR A 369 12.82 3.09 -10.13
N GLY A 370 13.53 2.49 -9.17
CA GLY A 370 13.20 2.70 -7.78
C GLY A 370 12.04 1.84 -7.27
N ASN A 371 11.83 0.70 -7.92
CA ASN A 371 11.05 -0.37 -7.33
C ASN A 371 11.93 -1.09 -6.31
N VAL A 372 11.39 -1.41 -5.15
CA VAL A 372 12.18 -1.96 -4.05
C VAL A 372 11.91 -3.44 -3.76
N ASN A 373 12.96 -4.17 -3.48
CA ASN A 373 12.86 -5.56 -3.06
C ASN A 373 13.29 -5.62 -1.59
N SER A 374 12.39 -6.04 -0.70
CA SER A 374 12.72 -6.12 0.72
C SER A 374 12.90 -7.56 1.21
N THR A 375 12.62 -8.56 0.36
CA THR A 375 12.43 -9.91 0.89
C THR A 375 13.11 -11.09 0.18
N ARG A 376 13.15 -11.06 -1.15
CA ARG A 376 13.48 -12.28 -1.90
C ARG A 376 14.75 -12.21 -2.77
N VAL A 377 15.86 -12.75 -2.25
CA VAL A 377 17.10 -12.76 -3.02
C VAL A 377 16.99 -13.61 -4.27
N MET A 378 17.41 -13.05 -5.40
CA MET A 378 17.21 -13.67 -6.72
C MET A 378 15.73 -13.84 -7.07
N GLY A 379 14.85 -13.26 -6.26
CA GLY A 379 13.42 -13.35 -6.51
C GLY A 379 12.72 -14.59 -5.92
N SER A 380 13.48 -15.51 -5.33
CA SER A 380 12.87 -16.76 -4.91
C SER A 380 13.26 -17.16 -3.49
N LYS A 381 14.31 -16.55 -2.96
CA LYS A 381 14.84 -17.00 -1.69
C LYS A 381 14.52 -16.01 -0.58
N MET A 382 13.70 -16.45 0.37
CA MET A 382 13.22 -15.57 1.43
C MET A 382 14.32 -15.21 2.42
N MET A 383 14.36 -13.92 2.76
CA MET A 383 15.24 -13.44 3.79
C MET A 383 14.46 -13.34 5.11
N ASN A 384 13.84 -12.21 5.38
CA ASN A 384 13.06 -12.10 6.61
C ASN A 384 11.56 -12.02 6.32
N GLY A 385 11.16 -10.96 5.61
CA GLY A 385 9.76 -10.73 5.33
C GLY A 385 9.52 -9.26 5.09
N ILE A 386 8.30 -8.92 4.67
CA ILE A 386 8.04 -7.55 4.33
C ILE A 386 7.91 -6.72 5.59
N GLY A 387 7.55 -7.40 6.67
CA GLY A 387 7.26 -6.76 7.94
C GLY A 387 6.25 -5.63 7.83
N GLY A 388 6.66 -4.47 8.33
CA GLY A 388 5.82 -3.30 8.35
C GLY A 388 6.30 -2.28 7.34
N SER A 389 7.29 -2.66 6.53
CA SER A 389 7.83 -1.73 5.54
C SER A 389 6.75 -1.25 4.57
N GLY A 390 5.76 -2.10 4.28
CA GLY A 390 4.66 -1.70 3.44
C GLY A 390 3.75 -0.72 4.18
N ASP A 391 3.31 -1.13 5.38
CA ASP A 391 2.50 -0.27 6.24
C ASP A 391 3.02 1.16 6.22
N PHE A 392 4.30 1.32 6.57
CA PHE A 392 4.92 2.64 6.70
C PHE A 392 5.27 3.35 5.37
N ALA A 393 5.95 2.65 4.47
CA ALA A 393 6.31 3.24 3.18
C ALA A 393 5.14 3.89 2.44
N ARG A 394 4.03 3.17 2.30
CA ARG A 394 2.88 3.72 1.60
C ARG A 394 2.14 4.81 2.39
N SER A 395 2.15 4.72 3.71
CA SER A 395 1.36 5.63 4.55
C SER A 395 2.07 6.93 4.89
N SER A 396 3.40 6.91 4.79
CA SER A 396 4.25 7.96 5.32
C SER A 396 4.23 9.28 4.57
N TYR A 397 4.74 10.31 5.24
CA TYR A 397 4.89 11.63 4.68
C TYR A 397 6.06 11.62 3.70
N LEU A 398 7.07 10.82 4.05
CA LEU A 398 8.28 10.64 3.24
C LEU A 398 8.76 9.20 3.40
N SER A 399 8.97 8.53 2.27
CA SER A 399 9.40 7.15 2.29
C SER A 399 10.86 7.01 1.82
N ILE A 400 11.72 6.58 2.73
CA ILE A 400 13.15 6.55 2.48
C ILE A 400 13.68 5.13 2.61
N PHE A 401 14.52 4.74 1.65
CA PHE A 401 15.12 3.41 1.68
C PHE A 401 16.64 3.49 1.77
N LEU A 402 17.24 2.55 2.49
CA LEU A 402 18.66 2.63 2.82
C LEU A 402 19.42 1.30 2.62
N SER A 403 20.56 1.38 1.95
CA SER A 403 21.34 0.19 1.67
C SER A 403 22.76 0.51 1.23
N PRO A 404 23.69 -0.36 1.62
CA PRO A 404 25.00 -0.37 0.93
C PRO A 404 24.74 -0.55 -0.57
N SER A 405 25.49 0.13 -1.42
CA SER A 405 25.27 0.04 -2.87
C SER A 405 25.59 -1.36 -3.44
N THR A 406 26.34 -2.16 -2.68
CA THR A 406 26.64 -3.53 -3.08
C THR A 406 26.43 -4.48 -1.92
N ALA A 407 26.34 -5.77 -2.23
CA ALA A 407 26.22 -6.81 -1.22
C ALA A 407 27.21 -7.93 -1.53
N LYS A 408 27.46 -8.81 -0.57
CA LYS A 408 28.37 -9.96 -0.75
C LYS A 408 29.78 -9.52 -1.23
N GLY A 409 30.37 -8.55 -0.51
CA GLY A 409 31.73 -8.12 -0.76
C GLY A 409 31.96 -7.49 -2.13
N GLY A 410 30.93 -6.88 -2.69
CA GLY A 410 31.04 -6.19 -3.97
C GLY A 410 30.49 -7.04 -5.09
N LYS A 411 30.28 -8.33 -4.82
CA LYS A 411 29.87 -9.27 -5.86
C LYS A 411 28.42 -9.12 -6.35
N ILE A 412 27.60 -8.40 -5.58
CA ILE A 412 26.22 -8.12 -5.97
C ILE A 412 26.03 -6.61 -5.96
N SER A 413 25.27 -6.11 -6.93
CA SER A 413 24.88 -4.71 -6.94
C SER A 413 23.47 -4.55 -6.35
N ALA A 414 23.34 -3.67 -5.36
CA ALA A 414 22.04 -3.38 -4.75
C ALA A 414 21.19 -2.47 -5.63
N ILE A 415 21.78 -1.97 -6.72
CA ILE A 415 20.99 -1.29 -7.78
C ILE A 415 21.06 -2.14 -9.06
N VAL A 416 19.90 -2.59 -9.54
CA VAL A 416 19.86 -3.57 -10.64
C VAL A 416 18.96 -3.09 -11.79
N PRO A 417 19.14 -3.64 -13.00
CA PRO A 417 18.24 -3.21 -14.09
C PRO A 417 16.78 -3.42 -13.70
N MET A 418 16.47 -4.60 -13.17
CA MET A 418 15.13 -4.89 -12.71
C MET A 418 15.22 -5.69 -11.42
N ALA A 419 14.44 -5.29 -10.42
CA ALA A 419 14.39 -6.03 -9.16
C ALA A 419 13.83 -7.42 -9.43
N ALA A 420 14.38 -8.43 -8.77
CA ALA A 420 13.99 -9.82 -8.99
C ALA A 420 12.63 -10.15 -8.36
N HIS A 421 12.29 -9.39 -7.31
CA HIS A 421 10.98 -9.45 -6.68
C HIS A 421 10.67 -8.04 -6.22
N VAL A 422 9.39 -7.66 -6.23
CA VAL A 422 8.99 -6.31 -5.86
C VAL A 422 8.17 -6.28 -4.57
N ASP A 423 8.64 -5.52 -3.60
CA ASP A 423 7.83 -5.31 -2.40
C ASP A 423 7.21 -3.91 -2.39
N HIS A 424 7.98 -2.94 -2.87
CA HIS A 424 7.54 -1.54 -2.82
C HIS A 424 7.65 -0.92 -4.20
N ILE A 425 6.49 -0.66 -4.79
CA ILE A 425 6.44 -0.04 -6.10
C ILE A 425 7.04 1.37 -6.07
N MET A 426 7.26 1.93 -7.25
CA MET A 426 7.78 3.30 -7.38
C MET A 426 6.99 4.33 -6.57
N GLN A 427 5.67 4.27 -6.64
CA GLN A 427 4.83 5.21 -5.90
C GLN A 427 5.10 5.18 -4.40
N ASP A 428 5.76 4.14 -3.90
CA ASP A 428 5.95 4.02 -2.46
C ASP A 428 7.40 4.32 -2.01
N ALA A 429 8.21 4.91 -2.89
CA ALA A 429 9.60 5.22 -2.55
C ALA A 429 10.04 6.59 -3.10
N GLN A 430 10.25 7.57 -2.23
CA GLN A 430 10.67 8.91 -2.67
C GLN A 430 12.17 9.16 -2.57
N ILE A 431 12.82 8.50 -1.62
CA ILE A 431 14.23 8.77 -1.35
C ILE A 431 15.05 7.50 -1.28
N PHE A 432 16.17 7.49 -1.99
CA PHE A 432 17.14 6.41 -1.85
C PHE A 432 18.48 6.95 -1.36
N VAL A 433 19.11 6.19 -0.47
CA VAL A 433 20.39 6.56 0.10
C VAL A 433 21.30 5.35 0.19
N THR A 434 22.44 5.42 -0.49
CA THR A 434 23.54 4.45 -0.29
C THR A 434 24.75 5.24 0.19
N GLU A 435 25.91 4.60 0.22
CA GLU A 435 27.14 5.29 0.63
C GLU A 435 27.66 6.19 -0.52
N GLN A 436 27.11 5.98 -1.71
CA GLN A 436 27.51 6.76 -2.89
C GLN A 436 26.85 8.13 -2.90
N GLY A 437 25.71 8.24 -2.22
CA GLY A 437 24.93 9.46 -2.28
C GLY A 437 23.44 9.20 -2.15
N LEU A 438 22.65 10.24 -2.37
CA LEU A 438 21.23 10.20 -2.07
C LEU A 438 20.39 10.64 -3.27
N ALA A 439 19.35 9.87 -3.56
CA ALA A 439 18.49 10.19 -4.69
C ALA A 439 17.11 10.70 -4.23
N ASP A 440 16.77 11.91 -4.65
CA ASP A 440 15.46 12.51 -4.37
C ASP A 440 14.55 12.39 -5.59
N LEU A 441 13.53 11.54 -5.50
CA LEU A 441 12.74 11.17 -6.67
C LEU A 441 11.39 11.87 -6.73
N ARG A 442 11.08 12.66 -5.72
CA ARG A 442 9.81 13.39 -5.70
C ARG A 442 9.53 14.18 -6.98
N GLY A 443 8.40 13.87 -7.61
CA GLY A 443 7.94 14.57 -8.81
C GLY A 443 8.49 14.06 -10.15
N LEU A 444 9.35 13.04 -10.12
CA LEU A 444 10.00 12.53 -11.33
C LEU A 444 9.23 11.38 -12.02
N SER A 445 9.26 11.39 -13.35
CA SER A 445 8.84 10.27 -14.17
C SER A 445 9.84 9.16 -13.93
N PRO A 446 9.47 7.91 -14.28
CA PRO A 446 10.38 6.75 -14.11
C PRO A 446 11.77 7.00 -14.70
N VAL A 447 11.80 7.46 -15.95
CA VAL A 447 13.05 7.78 -16.64
C VAL A 447 13.92 8.82 -15.89
N GLN A 448 13.27 9.80 -15.27
CA GLN A 448 14.00 10.77 -14.47
C GLN A 448 14.47 10.14 -13.15
N ARG A 449 13.73 9.14 -12.67
CA ARG A 449 14.15 8.39 -11.49
C ARG A 449 15.47 7.62 -11.74
N ALA A 450 15.57 6.97 -12.90
CA ALA A 450 16.76 6.22 -13.29
C ALA A 450 18.02 7.09 -13.30
N ARG A 451 17.94 8.25 -13.94
CA ARG A 451 19.10 9.16 -13.98
C ARG A 451 19.58 9.49 -12.58
N GLU A 452 18.66 9.77 -11.66
CA GLU A 452 19.02 10.08 -10.28
C GLU A 452 19.55 8.87 -9.50
N ILE A 453 18.87 7.73 -9.62
CA ILE A 453 19.30 6.53 -8.91
C ILE A 453 20.70 6.12 -9.35
N ILE A 454 20.94 6.12 -10.66
CA ILE A 454 22.19 5.66 -11.24
C ILE A 454 23.35 6.60 -10.92
N SER A 455 23.12 7.89 -11.08
CA SER A 455 24.18 8.87 -10.82
C SER A 455 24.48 9.06 -9.34
N LYS A 456 23.48 8.88 -8.48
CA LYS A 456 23.65 9.17 -7.05
C LYS A 456 23.95 7.94 -6.18
N CYS A 457 23.32 6.80 -6.49
CA CYS A 457 23.32 5.70 -5.52
C CYS A 457 24.14 4.49 -5.92
N ALA A 458 24.20 4.23 -7.22
CA ALA A 458 24.90 3.06 -7.73
C ALA A 458 26.41 3.15 -7.48
N HIS A 459 26.99 2.01 -7.11
CA HIS A 459 28.43 1.87 -6.94
C HIS A 459 29.17 2.04 -8.28
N PRO A 460 30.28 2.80 -8.27
CA PRO A 460 31.05 3.05 -9.50
C PRO A 460 31.44 1.79 -10.30
N ASP A 461 31.59 0.64 -9.67
CA ASP A 461 31.83 -0.59 -10.43
C ASP A 461 30.66 -0.95 -11.32
N TYR A 462 29.46 -0.49 -10.95
CA TYR A 462 28.25 -0.94 -11.63
C TYR A 462 27.57 0.17 -12.43
N ARG A 463 27.87 1.41 -12.10
CA ARG A 463 27.22 2.56 -12.73
C ARG A 463 27.26 2.51 -14.26
N PRO A 464 28.42 2.18 -14.83
CA PRO A 464 28.47 2.13 -16.30
C PRO A 464 27.61 0.99 -16.85
N MET A 465 27.67 -0.18 -16.24
CA MET A 465 26.80 -1.27 -16.67
C MET A 465 25.33 -0.88 -16.63
N LEU A 466 24.91 -0.27 -15.52
CA LEU A 466 23.55 0.23 -15.40
C LEU A 466 23.24 1.26 -16.50
N GLN A 467 24.16 2.20 -16.71
CA GLN A 467 23.94 3.28 -17.67
C GLN A 467 23.78 2.69 -19.07
N ASP A 468 24.54 1.63 -19.31
CA ASP A 468 24.55 0.99 -20.61
C ASP A 468 23.21 0.31 -20.85
N TYR A 469 22.73 -0.41 -19.83
CA TYR A 469 21.42 -1.05 -19.89
C TYR A 469 20.35 -0.02 -20.20
N PHE A 470 20.42 1.11 -19.50
CA PHE A 470 19.37 2.13 -19.61
C PHE A 470 19.42 2.84 -20.96
N ASP A 471 20.62 3.17 -21.42
CA ASP A 471 20.81 3.78 -22.73
C ASP A 471 20.22 2.92 -23.85
N ARG A 472 20.45 1.61 -23.79
CA ARG A 472 19.97 0.72 -24.83
C ARG A 472 18.47 0.39 -24.71
N ALA A 473 17.95 0.45 -23.48
CA ALA A 473 16.52 0.23 -23.28
C ALA A 473 15.77 1.41 -23.86
N LEU A 474 16.36 2.60 -23.68
CA LEU A 474 15.78 3.82 -24.21
C LEU A 474 15.59 3.73 -25.72
N LYS A 475 16.54 3.10 -26.39
CA LYS A 475 16.48 2.96 -27.85
C LYS A 475 15.56 1.83 -28.30
N ASN A 476 15.56 0.71 -27.57
CA ASN A 476 14.94 -0.51 -28.08
C ASN A 476 13.71 -1.06 -27.34
N SER A 477 13.44 -0.54 -26.15
CA SER A 477 12.29 -0.98 -25.35
C SER A 477 10.98 -0.91 -26.14
N PHE A 478 10.13 -1.90 -25.90
CA PHE A 478 8.80 -1.96 -26.53
C PHE A 478 7.99 -0.66 -26.31
N GLY A 479 8.05 -0.09 -25.11
CA GLY A 479 7.63 1.28 -24.89
C GLY A 479 8.74 2.13 -24.28
N LYS A 480 8.60 3.46 -24.29
CA LYS A 480 9.65 4.35 -23.78
C LYS A 480 9.39 4.94 -22.39
N HIS A 481 8.22 4.64 -21.81
CA HIS A 481 7.87 5.21 -20.51
C HIS A 481 8.63 4.59 -19.35
N THR A 482 8.73 3.27 -19.34
CA THR A 482 9.58 2.58 -18.40
C THR A 482 10.44 1.60 -19.20
N PRO A 483 11.49 2.13 -19.86
CA PRO A 483 12.30 1.39 -20.83
C PRO A 483 12.97 0.12 -20.28
N HIS A 484 12.73 -1.01 -20.93
CA HIS A 484 13.38 -2.24 -20.51
C HIS A 484 13.86 -3.08 -21.70
N LEU A 485 14.87 -3.90 -21.46
CA LEU A 485 15.25 -4.97 -22.36
C LEU A 485 14.98 -6.26 -21.62
N LEU A 486 13.87 -6.92 -21.97
CA LEU A 486 13.45 -8.11 -21.24
C LEU A 486 14.45 -9.26 -21.30
N THR A 487 15.20 -9.35 -22.40
CA THR A 487 16.25 -10.39 -22.53
C THR A 487 17.34 -10.27 -21.47
N GLU A 488 17.66 -9.04 -21.05
CA GLU A 488 18.69 -8.87 -20.03
C GLU A 488 18.25 -8.26 -18.69
N ALA A 489 16.96 -7.95 -18.54
CA ALA A 489 16.46 -7.34 -17.30
C ALA A 489 16.89 -8.10 -16.01
N LEU A 490 16.76 -9.42 -16.04
CA LEU A 490 17.08 -10.24 -14.88
C LEU A 490 18.43 -10.95 -15.03
N SER A 491 19.16 -10.62 -16.10
CA SER A 491 20.43 -11.31 -16.40
C SER A 491 21.54 -11.13 -15.35
N TRP A 492 21.59 -10.00 -14.64
CA TRP A 492 22.59 -9.87 -13.59
C TRP A 492 22.34 -10.87 -12.44
N HIS A 493 21.07 -11.15 -12.16
CA HIS A 493 20.74 -12.11 -11.13
C HIS A 493 21.13 -13.48 -11.62
N GLN A 494 20.75 -13.80 -12.85
CA GLN A 494 21.17 -15.08 -13.43
C GLN A 494 22.68 -15.21 -13.40
N ARG A 495 23.39 -14.17 -13.82
CA ARG A 495 24.85 -14.21 -13.84
C ARG A 495 25.43 -14.54 -12.47
N PHE A 496 24.83 -13.98 -11.42
CA PHE A 496 25.26 -14.26 -10.04
C PHE A 496 25.04 -15.71 -9.61
N ILE A 497 23.88 -16.26 -9.97
CA ILE A 497 23.58 -17.67 -9.75
C ILE A 497 24.58 -18.57 -10.48
N ASP A 498 24.96 -18.15 -11.70
CA ASP A 498 25.83 -18.93 -12.59
C ASP A 498 27.31 -18.83 -12.24
N THR A 499 27.75 -17.67 -11.77
CA THR A 499 29.19 -17.43 -11.64
C THR A 499 29.61 -16.93 -10.26
N GLY A 500 28.64 -16.58 -9.42
CA GLY A 500 28.91 -16.11 -8.07
C GLY A 500 29.16 -14.59 -7.94
N THR A 501 29.00 -13.87 -9.04
CA THR A 501 29.22 -12.44 -9.04
C THR A 501 28.41 -11.82 -10.17
N MET A 502 28.16 -10.52 -10.06
CA MET A 502 27.37 -9.79 -11.04
C MET A 502 28.29 -9.08 -12.01
N LEU A 503 29.56 -8.99 -11.63
CA LEU A 503 30.60 -8.44 -12.50
C LEU A 503 30.95 -9.44 -13.60
N PRO A 504 31.12 -8.93 -14.84
CA PRO A 504 31.50 -9.76 -16.00
C PRO A 504 32.89 -10.35 -15.82
N SER A 505 33.21 -11.37 -16.62
CA SER A 505 34.53 -12.00 -16.62
C SER A 505 35.56 -11.06 -17.25
N THR B 2 -32.12 30.33 -16.15
CA THR B 2 -31.72 31.02 -14.92
C THR B 2 -30.20 31.15 -14.82
N GLU B 3 -29.76 32.25 -14.21
CA GLU B 3 -28.35 32.57 -14.09
C GLU B 3 -27.56 31.52 -13.30
N ARG B 4 -26.33 31.26 -13.73
CA ARG B 4 -25.49 30.28 -13.06
C ARG B 4 -24.56 30.94 -12.04
N ILE B 5 -24.13 32.16 -12.35
CA ILE B 5 -23.28 32.95 -11.44
C ILE B 5 -24.16 33.82 -10.52
N ARG B 6 -24.60 33.26 -9.39
CA ARG B 6 -25.54 33.95 -8.50
C ARG B 6 -24.90 35.05 -7.67
N ASN B 7 -23.57 35.09 -7.63
CA ASN B 7 -22.87 36.18 -6.98
C ASN B 7 -22.61 37.26 -8.02
N VAL B 8 -23.25 38.41 -7.84
CA VAL B 8 -23.27 39.47 -8.86
C VAL B 8 -21.91 40.15 -9.08
N ALA B 9 -21.18 40.42 -8.00
CA ALA B 9 -19.87 41.08 -8.12
C ALA B 9 -18.91 40.30 -9.02
N LEU B 10 -19.04 38.97 -9.04
CA LEU B 10 -18.09 38.13 -9.75
C LEU B 10 -18.32 38.15 -11.27
N ARG B 11 -19.53 38.46 -11.70
CA ARG B 11 -19.84 38.50 -13.12
C ARG B 11 -18.94 39.46 -13.92
N SER B 12 -18.32 40.41 -13.22
CA SER B 12 -17.43 41.37 -13.85
C SER B 12 -16.10 40.72 -14.20
N LYS B 13 -15.89 39.50 -13.73
CA LYS B 13 -14.65 38.79 -14.02
C LYS B 13 -14.82 37.81 -15.19
N VAL B 14 -16.05 37.66 -15.67
CA VAL B 14 -16.29 36.89 -16.88
C VAL B 14 -15.49 37.47 -18.04
N CYS B 15 -14.64 36.65 -18.65
CA CYS B 15 -13.98 37.02 -19.91
C CYS B 15 -13.98 35.80 -20.83
N PRO B 16 -13.64 35.99 -22.12
CA PRO B 16 -13.72 34.87 -23.06
C PRO B 16 -12.60 33.83 -22.87
N ALA B 17 -12.85 32.60 -23.33
CA ALA B 17 -11.89 31.50 -23.21
C ALA B 17 -10.48 31.84 -23.71
N GLU B 18 -10.42 32.53 -24.84
CA GLU B 18 -9.13 32.89 -25.45
C GLU B 18 -8.34 33.81 -24.54
N THR B 19 -9.02 34.82 -24.00
CA THR B 19 -8.37 35.82 -23.16
C THR B 19 -7.96 35.22 -21.83
N ALA B 20 -8.82 34.34 -21.32
CA ALA B 20 -8.53 33.60 -20.08
C ALA B 20 -7.25 32.74 -20.19
N SER B 21 -7.08 32.07 -21.33
CA SER B 21 -5.93 31.19 -21.54
C SER B 21 -4.60 31.93 -21.66
N GLU B 22 -4.65 33.23 -21.93
CA GLU B 22 -3.41 34.01 -21.99
C GLU B 22 -2.81 34.17 -20.60
N LEU B 23 -3.60 33.86 -19.58
CA LEU B 23 -3.16 33.92 -18.18
C LEU B 23 -2.15 32.80 -17.89
N ILE B 24 -2.20 31.75 -18.70
CA ILE B 24 -1.35 30.57 -18.52
C ILE B 24 -0.07 30.71 -19.33
N LYS B 25 1.06 30.69 -18.65
CA LYS B 25 2.36 30.95 -19.26
C LYS B 25 3.14 29.66 -19.47
N HIS B 26 4.23 29.73 -20.23
CA HIS B 26 5.08 28.56 -20.45
C HIS B 26 5.76 28.18 -19.15
N GLY B 27 5.82 26.88 -18.88
CA GLY B 27 6.43 26.36 -17.67
C GLY B 27 5.51 26.33 -16.45
N ASP B 28 4.27 26.77 -16.62
CA ASP B 28 3.32 26.79 -15.51
C ASP B 28 2.86 25.39 -15.11
N VAL B 29 2.85 25.15 -13.81
CA VAL B 29 2.16 23.99 -13.25
C VAL B 29 0.66 24.35 -13.15
N VAL B 30 -0.18 23.57 -13.82
CA VAL B 30 -1.61 23.85 -13.88
C VAL B 30 -2.43 22.74 -13.23
N GLY B 31 -3.22 23.09 -12.21
CA GLY B 31 -4.07 22.12 -11.55
C GLY B 31 -5.49 22.24 -12.06
N THR B 32 -6.04 21.16 -12.60
CA THR B 32 -7.40 21.25 -13.13
C THR B 32 -8.39 20.31 -12.43
N SER B 33 -9.68 20.58 -12.60
CA SER B 33 -10.69 19.62 -12.23
C SER B 33 -10.67 18.52 -13.29
N GLY B 34 -11.46 17.47 -13.10
CA GLY B 34 -11.46 16.36 -14.04
C GLY B 34 -11.07 15.05 -13.37
N PHE B 35 -11.96 14.07 -13.47
CA PHE B 35 -11.79 12.78 -12.85
C PHE B 35 -12.65 11.79 -13.63
N THR B 36 -12.00 10.74 -14.14
CA THR B 36 -12.62 9.73 -15.01
C THR B 36 -13.55 10.32 -16.08
N GLY B 37 -13.09 11.35 -16.77
CA GLY B 37 -13.83 11.93 -17.88
C GLY B 37 -15.03 12.74 -17.44
N ALA B 38 -15.01 13.19 -16.20
CA ALA B 38 -16.10 14.01 -15.68
C ALA B 38 -15.57 15.31 -15.09
N GLY B 39 -16.17 16.41 -15.49
CA GLY B 39 -15.92 17.70 -14.86
C GLY B 39 -14.58 18.37 -15.11
N TYR B 40 -13.91 18.02 -16.21
CA TYR B 40 -12.65 18.69 -16.54
C TYR B 40 -12.96 19.96 -17.32
N PRO B 41 -12.08 20.97 -17.21
CA PRO B 41 -12.25 22.21 -17.99
C PRO B 41 -12.13 21.92 -19.48
N LYS B 42 -12.88 22.65 -20.29
CA LYS B 42 -13.04 22.30 -21.70
C LYS B 42 -12.66 23.42 -22.68
N GLU B 43 -13.21 24.62 -22.48
CA GLU B 43 -12.98 25.71 -23.42
C GLU B 43 -11.59 26.33 -23.35
N VAL B 44 -11.15 26.70 -22.15
CA VAL B 44 -9.82 27.29 -21.98
C VAL B 44 -8.68 26.40 -22.52
N PRO B 45 -8.78 25.07 -22.38
CA PRO B 45 -7.74 24.19 -22.91
C PRO B 45 -7.67 24.17 -24.44
N LYS B 46 -8.82 24.17 -25.11
CA LYS B 46 -8.81 24.25 -26.57
C LYS B 46 -8.10 25.54 -27.01
N ALA B 47 -8.52 26.66 -26.42
CA ALA B 47 -7.95 27.96 -26.75
C ALA B 47 -6.47 27.98 -26.44
N LEU B 48 -6.09 27.35 -25.33
CA LEU B 48 -4.69 27.27 -24.95
C LEU B 48 -3.92 26.38 -25.92
N ALA B 49 -4.59 25.38 -26.47
CA ALA B 49 -3.97 24.45 -27.41
C ALA B 49 -3.54 25.20 -28.66
N GLN B 50 -4.50 25.85 -29.32
CA GLN B 50 -4.22 26.66 -30.50
C GLN B 50 -3.07 27.64 -30.30
N ARG B 51 -3.13 28.42 -29.22
CA ARG B 51 -2.08 29.41 -28.96
C ARG B 51 -0.74 28.74 -28.75
N MET B 52 -0.74 27.46 -28.38
CA MET B 52 0.49 26.70 -28.21
C MET B 52 1.12 26.30 -29.55
N GLU B 53 0.29 25.80 -30.47
CA GLU B 53 0.77 25.49 -31.82
C GLU B 53 1.37 26.73 -32.47
N ALA B 54 0.71 27.86 -32.30
CA ALA B 54 1.19 29.13 -32.84
C ALA B 54 2.61 29.44 -32.34
N ALA B 55 2.79 29.41 -31.02
CA ALA B 55 4.07 29.76 -30.44
C ALA B 55 5.17 28.82 -30.90
N HIS B 56 4.77 27.60 -31.28
CA HIS B 56 5.73 26.58 -31.74
C HIS B 56 6.22 26.87 -33.15
N ASP B 57 5.30 27.25 -34.05
CA ASP B 57 5.67 27.58 -35.41
C ASP B 57 6.65 28.75 -35.47
N ARG B 58 6.48 29.69 -34.56
CA ARG B 58 7.40 30.82 -34.44
C ARG B 58 8.63 30.45 -33.62
N GLY B 59 8.75 29.17 -33.30
CA GLY B 59 9.90 28.65 -32.58
C GLY B 59 9.98 29.06 -31.11
N GLU B 60 8.84 29.37 -30.50
CA GLU B 60 8.81 29.66 -29.07
C GLU B 60 8.34 28.44 -28.26
N LYS B 61 8.99 28.19 -27.12
CA LYS B 61 8.59 27.12 -26.22
C LYS B 61 7.24 27.42 -25.55
N TYR B 62 6.33 26.46 -25.56
CA TYR B 62 5.06 26.66 -24.85
C TYR B 62 4.51 25.34 -24.31
N GLN B 63 4.94 24.99 -23.10
CA GLN B 63 4.49 23.76 -22.44
C GLN B 63 4.14 23.98 -20.98
N ILE B 64 3.20 23.19 -20.47
CA ILE B 64 2.86 23.23 -19.06
C ILE B 64 2.98 21.86 -18.40
N SER B 65 3.00 21.87 -17.07
CA SER B 65 2.83 20.65 -16.30
C SER B 65 1.34 20.55 -15.98
N LEU B 66 0.73 19.42 -16.31
CA LEU B 66 -0.71 19.24 -16.14
C LEU B 66 -1.08 18.25 -15.03
N ILE B 67 -1.43 18.79 -13.86
CA ILE B 67 -1.86 17.98 -12.74
C ILE B 67 -3.38 18.00 -12.61
N THR B 68 -3.98 16.81 -12.59
CA THR B 68 -5.43 16.69 -12.55
C THR B 68 -5.90 15.92 -11.33
N GLY B 69 -7.19 15.57 -11.31
CA GLY B 69 -7.70 14.65 -10.33
C GLY B 69 -7.40 13.24 -10.80
N ALA B 70 -8.01 12.88 -11.92
CA ALA B 70 -7.65 11.64 -12.62
C ALA B 70 -7.66 11.87 -14.14
N SER B 71 -8.26 10.96 -14.90
CA SER B 71 -8.32 11.11 -16.35
C SER B 71 -9.29 12.22 -16.76
N THR B 72 -9.07 12.80 -17.94
CA THR B 72 -9.93 13.87 -18.41
C THR B 72 -10.67 13.51 -19.69
N GLY B 73 -10.44 14.27 -20.76
CA GLY B 73 -11.16 14.05 -22.00
C GLY B 73 -10.45 14.65 -23.19
N PRO B 74 -11.09 14.59 -24.37
CA PRO B 74 -10.55 15.09 -25.64
C PRO B 74 -10.24 16.59 -25.63
N GLN B 75 -11.09 17.38 -24.98
CA GLN B 75 -10.93 18.84 -24.94
C GLN B 75 -9.69 19.26 -24.18
N LEU B 76 -9.17 18.34 -23.35
CA LEU B 76 -8.09 18.69 -22.45
C LEU B 76 -6.84 17.87 -22.74
N ASP B 77 -6.84 16.60 -22.32
CA ASP B 77 -5.70 15.72 -22.58
C ASP B 77 -5.45 15.63 -24.07
N GLY B 78 -6.51 15.36 -24.82
CA GLY B 78 -6.43 15.25 -26.26
C GLY B 78 -5.83 16.46 -26.96
N GLU B 79 -6.43 17.64 -26.74
CA GLU B 79 -6.01 18.84 -27.44
C GLU B 79 -4.58 19.28 -27.10
N LEU B 80 -4.21 19.18 -25.83
CA LEU B 80 -2.88 19.59 -25.42
C LEU B 80 -1.84 18.60 -25.89
N ALA B 81 -2.24 17.33 -26.02
CA ALA B 81 -1.33 16.30 -26.50
C ALA B 81 -1.04 16.51 -27.98
N LYS B 82 -2.10 16.81 -28.75
CA LYS B 82 -1.94 17.08 -30.18
C LYS B 82 -1.09 18.33 -30.40
N ALA B 83 -1.26 19.31 -29.52
CA ALA B 83 -0.54 20.57 -29.63
C ALA B 83 0.87 20.43 -29.05
N ASN B 84 1.14 19.25 -28.50
CA ASN B 84 2.41 18.98 -27.83
C ASN B 84 2.76 19.99 -26.74
N GLY B 85 1.76 20.36 -25.92
CA GLY B 85 1.94 21.40 -24.92
C GLY B 85 2.21 20.97 -23.48
N VAL B 86 2.47 19.70 -23.26
CA VAL B 86 2.59 19.15 -21.91
C VAL B 86 3.94 18.50 -21.63
N TYR B 87 4.76 19.13 -20.79
CA TYR B 87 6.05 18.56 -20.48
C TYR B 87 5.96 17.52 -19.34
N PHE B 88 4.99 17.69 -18.46
CA PHE B 88 4.77 16.78 -17.35
C PHE B 88 3.27 16.55 -17.11
N ARG B 89 2.92 15.32 -16.73
CA ARG B 89 1.54 14.91 -16.53
C ARG B 89 1.41 13.95 -15.33
N SER B 90 0.38 14.17 -14.51
CA SER B 90 0.08 13.35 -13.36
C SER B 90 -1.36 13.63 -12.93
N PRO B 91 -2.06 12.60 -12.36
CA PRO B 91 -1.59 11.26 -12.06
C PRO B 91 -2.25 10.15 -12.86
N PHE B 92 -3.18 10.48 -13.76
CA PHE B 92 -3.92 9.42 -14.46
C PHE B 92 -4.48 9.91 -15.78
N ASN B 93 -4.31 9.11 -16.82
CA ASN B 93 -4.77 9.50 -18.15
C ASN B 93 -5.36 8.32 -18.95
N THR B 94 -6.35 8.62 -19.78
CA THR B 94 -6.94 7.59 -20.65
C THR B 94 -7.00 8.03 -22.11
N ASP B 95 -6.48 9.22 -22.41
CA ASP B 95 -6.49 9.76 -23.76
C ASP B 95 -5.37 9.19 -24.64
N ALA B 96 -5.73 8.80 -25.85
CA ALA B 96 -4.78 8.10 -26.72
C ALA B 96 -3.64 8.99 -27.18
N THR B 97 -3.97 10.18 -27.66
CA THR B 97 -2.91 11.09 -28.09
C THR B 97 -1.92 11.28 -26.92
N MET B 98 -2.48 11.52 -25.73
CA MET B 98 -1.68 11.75 -24.52
C MET B 98 -0.90 10.49 -24.09
N ARG B 99 -1.54 9.34 -24.15
CA ARG B 99 -0.86 8.07 -23.91
C ARG B 99 0.34 7.89 -24.86
N ASN B 100 0.15 8.18 -26.14
CA ASN B 100 1.24 8.07 -27.10
C ASN B 100 2.42 9.02 -26.84
N ARG B 101 2.13 10.27 -26.49
CA ARG B 101 3.18 11.20 -26.08
C ARG B 101 3.99 10.62 -24.93
N ILE B 102 3.28 10.03 -23.97
CA ILE B 102 3.90 9.44 -22.80
C ILE B 102 4.82 8.28 -23.19
N ASN B 103 4.28 7.40 -24.02
CA ASN B 103 4.99 6.18 -24.40
C ASN B 103 6.10 6.44 -25.41
N ALA B 104 6.16 7.69 -25.90
CA ALA B 104 7.22 8.12 -26.81
C ALA B 104 8.28 8.95 -26.09
N GLY B 105 8.04 9.22 -24.81
CA GLY B 105 8.99 9.96 -23.99
C GLY B 105 8.88 11.46 -24.20
N GLU B 106 7.79 11.91 -24.82
CA GLU B 106 7.60 13.32 -25.12
C GLU B 106 6.85 14.06 -24.02
N THR B 107 6.07 13.31 -23.23
CA THR B 107 5.53 13.85 -22.01
C THR B 107 5.98 12.99 -20.83
N GLU B 108 6.57 13.62 -19.83
CA GLU B 108 6.98 12.92 -18.62
C GLU B 108 5.72 12.61 -17.81
N TYR B 109 5.70 11.44 -17.17
CA TYR B 109 4.49 10.95 -16.52
C TYR B 109 4.83 10.23 -15.23
N PHE B 110 4.05 10.50 -14.18
CA PHE B 110 4.12 9.66 -12.98
C PHE B 110 2.71 9.48 -12.43
N ASP B 111 2.26 8.23 -12.39
CA ASP B 111 0.91 7.91 -11.92
C ASP B 111 0.88 7.65 -10.42
N ASN B 112 0.79 8.71 -9.63
CA ASN B 112 0.61 8.60 -8.17
C ASN B 112 -0.69 7.93 -7.77
N HIS B 113 -0.66 7.23 -6.65
CA HIS B 113 -1.92 6.78 -6.04
C HIS B 113 -2.90 7.96 -6.00
N LEU B 114 -4.12 7.75 -6.49
CA LEU B 114 -5.05 8.87 -6.60
C LEU B 114 -5.29 9.59 -5.26
N GLY B 115 -5.41 8.81 -4.18
CA GLY B 115 -5.75 9.37 -2.89
C GLY B 115 -4.64 10.20 -2.28
N GLN B 116 -3.45 10.13 -2.88
CA GLN B 116 -2.26 10.77 -2.31
C GLN B 116 -1.86 12.04 -3.03
N VAL B 117 -2.48 12.29 -4.19
CA VAL B 117 -2.06 13.36 -5.08
C VAL B 117 -2.11 14.73 -4.40
N ALA B 118 -3.24 15.05 -3.76
CA ALA B 118 -3.42 16.32 -3.06
C ALA B 118 -2.35 16.55 -2.01
N GLY B 119 -2.12 15.52 -1.18
CA GLY B 119 -1.09 15.58 -0.16
C GLY B 119 0.28 15.85 -0.75
N ARG B 120 0.58 15.26 -1.91
CA ARG B 120 1.88 15.44 -2.55
C ARG B 120 1.99 16.81 -3.21
N ALA B 121 0.89 17.25 -3.81
CA ALA B 121 0.78 18.62 -4.29
C ALA B 121 1.06 19.63 -3.19
N VAL B 122 0.51 19.39 -1.99
CA VAL B 122 0.67 20.31 -0.87
C VAL B 122 2.09 20.28 -0.32
N GLN B 123 2.75 19.14 -0.49
CA GLN B 123 4.14 18.98 -0.06
C GLN B 123 5.10 19.67 -1.01
N GLY B 124 4.59 20.11 -2.16
CA GLY B 124 5.40 20.74 -3.17
C GLY B 124 6.00 19.81 -4.23
N ASN B 125 5.63 18.53 -4.22
CA ASN B 125 6.22 17.55 -5.15
C ASN B 125 6.11 17.88 -6.64
N TYR B 126 5.03 18.55 -7.04
CA TYR B 126 4.83 18.90 -8.45
C TYR B 126 5.29 20.34 -8.71
N GLY B 127 5.93 20.93 -7.71
CA GLY B 127 6.32 22.33 -7.77
C GLY B 127 5.21 23.26 -7.31
N LYS B 128 5.34 24.54 -7.65
CA LYS B 128 4.41 25.57 -7.20
C LYS B 128 3.31 25.71 -8.23
N PHE B 129 2.07 25.74 -7.77
CA PHE B 129 0.95 25.78 -8.69
C PHE B 129 0.66 27.20 -9.12
N ASN B 130 0.70 27.42 -10.43
CA ASN B 130 0.47 28.75 -10.99
C ASN B 130 -1.00 28.97 -11.34
N ILE B 131 -1.69 27.90 -11.72
CA ILE B 131 -3.06 28.00 -12.19
C ILE B 131 -3.94 26.89 -11.62
N ALA B 132 -5.11 27.26 -11.14
CA ALA B 132 -6.17 26.29 -10.87
C ALA B 132 -7.29 26.55 -11.86
N LEU B 133 -7.53 25.58 -12.73
CA LEU B 133 -8.55 25.70 -13.76
C LEU B 133 -9.69 24.68 -13.51
N VAL B 134 -10.80 25.17 -12.98
CA VAL B 134 -11.86 24.28 -12.51
C VAL B 134 -13.20 24.52 -13.20
N GLU B 135 -13.90 23.45 -13.54
CA GLU B 135 -15.24 23.56 -14.09
C GLU B 135 -16.25 23.62 -12.95
N ALA B 136 -17.25 24.47 -13.09
CA ALA B 136 -18.27 24.65 -12.06
C ALA B 136 -19.68 24.59 -12.64
N THR B 137 -20.61 24.15 -11.81
CA THR B 137 -22.02 24.09 -12.21
C THR B 137 -22.67 25.47 -12.01
N ALA B 138 -22.12 26.22 -11.06
CA ALA B 138 -22.71 27.48 -10.63
C ALA B 138 -21.79 28.16 -9.63
N ILE B 139 -22.03 29.44 -9.38
CA ILE B 139 -21.33 30.14 -8.31
C ILE B 139 -22.35 30.72 -7.33
N THR B 140 -22.27 30.32 -6.07
CA THR B 140 -23.32 30.69 -5.13
C THR B 140 -23.22 32.18 -4.78
N GLU B 141 -24.23 32.67 -4.07
CA GLU B 141 -24.31 34.08 -3.71
C GLU B 141 -23.10 34.56 -2.88
N ASP B 142 -22.49 33.67 -2.10
CA ASP B 142 -21.34 34.07 -1.28
C ASP B 142 -20.00 33.68 -1.90
N GLY B 143 -20.03 33.35 -3.19
CA GLY B 143 -18.81 33.06 -3.94
C GLY B 143 -18.28 31.65 -3.85
N GLY B 144 -19.13 30.70 -3.42
CA GLY B 144 -18.75 29.30 -3.39
C GLY B 144 -18.85 28.71 -4.78
N ILE B 145 -17.97 27.76 -5.09
CA ILE B 145 -17.97 27.11 -6.39
C ILE B 145 -18.64 25.74 -6.32
N VAL B 146 -19.69 25.54 -7.10
CA VAL B 146 -20.35 24.25 -7.19
C VAL B 146 -19.58 23.42 -8.23
N PRO B 147 -19.02 22.28 -7.81
CA PRO B 147 -18.33 21.41 -8.76
C PRO B 147 -19.35 20.82 -9.74
N THR B 148 -18.86 20.10 -10.74
CA THR B 148 -19.76 19.48 -11.72
C THR B 148 -19.89 17.98 -11.50
N SER B 149 -19.48 17.19 -12.49
CA SER B 149 -19.66 15.73 -12.43
C SER B 149 -18.59 15.00 -11.60
N SER B 150 -17.64 15.75 -11.05
CA SER B 150 -16.67 15.17 -10.13
C SER B 150 -16.14 16.22 -9.15
N VAL B 151 -15.52 15.78 -8.07
CA VAL B 151 -14.82 16.69 -7.16
C VAL B 151 -13.32 16.59 -7.37
N GLY B 152 -12.83 15.36 -7.47
CA GLY B 152 -11.42 15.11 -7.60
C GLY B 152 -10.57 15.89 -6.61
N ASN B 153 -9.61 16.64 -7.15
CA ASN B 153 -8.65 17.39 -6.37
C ASN B 153 -8.91 18.90 -6.36
N SER B 154 -10.06 19.30 -6.89
CA SER B 154 -10.32 20.73 -7.12
C SER B 154 -10.09 21.63 -5.90
N GLN B 155 -10.53 21.20 -4.72
CA GLN B 155 -10.37 22.04 -3.54
C GLN B 155 -8.90 22.33 -3.25
N THR B 156 -8.06 21.32 -3.44
CA THR B 156 -6.63 21.45 -3.14
C THR B 156 -5.93 22.35 -4.16
N PHE B 157 -6.33 22.22 -5.42
CA PHE B 157 -5.81 23.08 -6.48
C PHE B 157 -6.21 24.54 -6.25
N LEU B 158 -7.48 24.80 -5.94
CA LEU B 158 -7.93 26.15 -5.59
C LEU B 158 -7.11 26.73 -4.43
N ASN B 159 -6.82 25.91 -3.43
CA ASN B 159 -6.05 26.38 -2.28
C ASN B 159 -4.63 26.79 -2.63
N LEU B 160 -4.01 26.02 -3.51
CA LEU B 160 -2.57 26.17 -3.79
C LEU B 160 -2.23 27.15 -4.91
N ALA B 161 -3.08 27.21 -5.93
CA ALA B 161 -2.78 28.00 -7.11
C ALA B 161 -2.73 29.51 -6.82
N GLU B 162 -1.80 30.17 -7.50
CA GLU B 162 -1.65 31.63 -7.41
C GLU B 162 -2.80 32.36 -8.10
N LYS B 163 -3.21 31.87 -9.26
CA LYS B 163 -4.39 32.41 -9.97
C LYS B 163 -5.44 31.33 -10.25
N VAL B 164 -6.71 31.72 -10.26
CA VAL B 164 -7.78 30.76 -10.45
C VAL B 164 -8.66 31.09 -11.67
N ILE B 165 -8.96 30.07 -12.48
CA ILE B 165 -9.89 30.26 -13.58
C ILE B 165 -11.05 29.30 -13.46
N ILE B 166 -12.28 29.84 -13.45
CA ILE B 166 -13.47 29.01 -13.38
C ILE B 166 -14.21 28.96 -14.72
N GLU B 167 -14.59 27.75 -15.12
CA GLU B 167 -15.49 27.58 -16.25
C GLU B 167 -16.86 27.17 -15.74
N VAL B 168 -17.86 28.00 -16.02
CA VAL B 168 -19.23 27.67 -15.64
C VAL B 168 -19.91 27.04 -16.86
N ASN B 169 -20.23 25.75 -16.74
CA ASN B 169 -20.66 24.98 -17.89
C ASN B 169 -22.16 24.69 -17.87
N GLU B 170 -22.89 25.44 -18.69
CA GLU B 170 -24.35 25.32 -18.78
C GLU B 170 -24.85 23.91 -19.13
N TRP B 171 -23.95 23.06 -19.62
CA TRP B 171 -24.36 21.73 -20.02
C TRP B 171 -24.65 20.87 -18.81
N GLN B 172 -23.98 21.19 -17.71
CA GLN B 172 -24.09 20.43 -16.46
C GLN B 172 -25.38 20.75 -15.73
N ASN B 173 -26.13 19.70 -15.38
CA ASN B 173 -27.41 19.86 -14.70
C ASN B 173 -27.31 20.69 -13.41
N PRO B 174 -28.13 21.75 -13.29
CA PRO B 174 -28.08 22.67 -12.14
C PRO B 174 -28.40 21.98 -10.83
N MET B 175 -29.10 20.85 -10.92
CA MET B 175 -29.42 20.06 -9.74
C MET B 175 -28.24 19.24 -9.21
N LEU B 176 -27.07 19.37 -9.83
CA LEU B 176 -25.84 18.82 -9.26
C LEU B 176 -25.50 19.57 -7.99
N GLU B 177 -26.04 20.79 -7.86
CA GLU B 177 -25.82 21.56 -6.63
C GLU B 177 -26.44 20.85 -5.42
N GLY B 178 -25.61 20.58 -4.42
CA GLY B 178 -26.05 19.85 -3.24
C GLY B 178 -25.64 18.40 -3.21
N ILE B 179 -25.09 17.89 -4.32
CA ILE B 179 -24.70 16.49 -4.39
C ILE B 179 -23.30 16.23 -3.82
N HIS B 180 -22.50 17.28 -3.69
CA HIS B 180 -21.11 17.18 -3.25
C HIS B 180 -20.98 17.35 -1.75
N ASP B 181 -19.92 16.77 -1.19
CA ASP B 181 -19.62 16.95 0.22
C ASP B 181 -18.16 17.36 0.35
N ILE B 182 -17.93 18.66 0.50
CA ILE B 182 -16.58 19.22 0.55
C ILE B 182 -16.21 19.52 1.99
N TRP B 183 -15.11 18.93 2.46
CA TRP B 183 -14.68 19.14 3.84
C TRP B 183 -13.63 20.26 3.95
N ASP B 184 -13.76 21.11 4.97
CA ASP B 184 -12.75 22.13 5.21
C ASP B 184 -11.74 21.61 6.22
N GLY B 185 -11.89 20.34 6.60
CA GLY B 185 -10.90 19.66 7.40
C GLY B 185 -9.55 19.56 6.70
N ASN B 186 -8.52 19.27 7.49
CA ASN B 186 -7.18 19.09 6.97
C ASN B 186 -6.97 17.61 6.70
N VAL B 187 -7.27 17.20 5.47
CA VAL B 187 -7.14 15.81 5.03
C VAL B 187 -5.75 15.54 4.47
N SER B 188 -5.23 16.50 3.70
CA SER B 188 -4.01 16.30 2.94
C SER B 188 -2.98 17.41 3.14
N GLY B 189 -3.13 18.18 4.22
CA GLY B 189 -2.26 19.31 4.49
C GLY B 189 -1.10 19.01 5.43
N VAL B 190 -0.63 20.03 6.11
CA VAL B 190 0.49 19.90 7.03
C VAL B 190 0.10 19.06 8.24
N PRO B 191 0.87 18.01 8.55
CA PRO B 191 0.55 17.18 9.72
C PRO B 191 0.76 17.95 11.01
N THR B 192 0.06 17.59 12.08
CA THR B 192 -0.91 16.50 12.08
C THR B 192 -2.23 16.84 11.39
N ARG B 193 -2.71 15.91 10.57
CA ARG B 193 -3.96 16.05 9.85
C ARG B 193 -5.14 15.78 10.75
N ASP B 194 -6.33 16.19 10.30
CA ASP B 194 -7.55 15.91 11.04
C ASP B 194 -7.91 14.45 10.92
N ILE B 195 -8.61 13.93 11.92
CA ILE B 195 -9.35 12.69 11.75
C ILE B 195 -10.46 13.02 10.78
N VAL B 196 -10.61 12.21 9.75
CA VAL B 196 -11.75 12.37 8.87
C VAL B 196 -12.83 11.46 9.40
N PRO B 197 -13.91 12.04 9.97
CA PRO B 197 -14.79 11.29 10.86
C PRO B 197 -15.90 10.51 10.16
N ILE B 198 -15.66 10.08 8.92
CA ILE B 198 -16.62 9.25 8.22
C ILE B 198 -16.69 7.84 8.83
N VAL B 199 -17.89 7.42 9.25
CA VAL B 199 -18.07 6.10 9.83
C VAL B 199 -19.21 5.38 9.13
N ARG B 200 -19.69 6.01 8.05
CA ARG B 200 -20.83 5.57 7.29
C ARG B 200 -20.64 5.96 5.84
N ALA B 201 -20.83 5.02 4.93
CA ALA B 201 -20.70 5.37 3.52
C ALA B 201 -21.59 6.55 3.09
N ASP B 202 -22.75 6.74 3.74
CA ASP B 202 -23.66 7.86 3.37
C ASP B 202 -23.50 9.16 4.18
N GLN B 203 -22.51 9.22 5.05
CA GLN B 203 -22.33 10.37 5.92
C GLN B 203 -21.82 11.63 5.23
N ARG B 204 -22.43 12.77 5.51
CA ARG B 204 -21.89 14.04 5.05
C ARG B 204 -21.16 14.73 6.20
N VAL B 205 -20.02 15.33 5.93
CA VAL B 205 -19.23 15.98 6.98
C VAL B 205 -18.83 17.40 6.61
N GLY B 206 -19.12 17.80 5.37
CA GLY B 206 -18.76 19.12 4.92
C GLY B 206 -19.94 19.88 4.31
N GLY B 207 -19.66 20.64 3.26
CA GLY B 207 -20.67 21.44 2.61
C GLY B 207 -20.68 21.27 1.10
N PRO B 208 -21.63 21.91 0.44
CA PRO B 208 -21.87 21.62 -0.98
C PRO B 208 -21.00 22.40 -1.94
N VAL B 209 -20.09 23.24 -1.46
CA VAL B 209 -19.27 24.02 -2.39
C VAL B 209 -17.78 24.04 -2.09
N LEU B 210 -17.00 24.34 -3.13
CA LEU B 210 -15.57 24.57 -2.98
C LEU B 210 -15.38 26.02 -2.57
N ARG B 211 -14.40 26.27 -1.73
CA ARG B 211 -14.17 27.62 -1.25
C ARG B 211 -12.91 28.16 -1.86
N VAL B 212 -12.96 29.40 -2.32
CA VAL B 212 -11.74 30.04 -2.79
C VAL B 212 -11.80 31.52 -2.52
N ASN B 213 -10.66 32.10 -2.15
CA ASN B 213 -10.56 33.55 -2.04
C ASN B 213 -10.82 34.19 -3.40
N PRO B 214 -11.85 35.05 -3.48
CA PRO B 214 -12.26 35.66 -4.76
C PRO B 214 -11.23 36.62 -5.35
N ASP B 215 -10.22 37.02 -4.59
CA ASP B 215 -9.17 37.89 -5.14
C ASP B 215 -8.24 37.09 -6.04
N LYS B 216 -8.37 35.77 -5.97
CA LYS B 216 -7.53 34.87 -6.76
C LYS B 216 -8.23 34.55 -8.08
N ILE B 217 -9.54 34.66 -8.11
CA ILE B 217 -10.26 34.36 -9.34
C ILE B 217 -9.87 35.39 -10.38
N ALA B 218 -9.01 34.99 -11.32
CA ALA B 218 -8.53 35.91 -12.34
C ALA B 218 -9.42 35.93 -13.58
N ALA B 219 -10.37 35.00 -13.67
CA ALA B 219 -11.22 34.92 -14.84
C ALA B 219 -12.27 33.83 -14.68
N ILE B 220 -13.45 34.11 -15.21
CA ILE B 220 -14.53 33.14 -15.24
C ILE B 220 -14.96 33.07 -16.69
N VAL B 221 -15.13 31.85 -17.20
CA VAL B 221 -15.49 31.65 -18.59
C VAL B 221 -16.79 30.88 -18.68
N ARG B 222 -17.73 31.37 -19.47
CA ARG B 222 -18.99 30.64 -19.63
C ARG B 222 -18.82 29.57 -20.71
N THR B 223 -19.35 28.38 -20.46
CA THR B 223 -19.22 27.32 -21.46
C THR B 223 -20.50 26.51 -21.58
N ASN B 224 -20.52 25.66 -22.59
CA ASN B 224 -21.62 24.75 -22.84
C ASN B 224 -21.04 23.62 -23.68
N ASP B 225 -20.55 22.59 -22.99
CA ASP B 225 -19.86 21.48 -23.65
C ASP B 225 -20.02 20.20 -22.83
N ARG B 226 -20.12 19.07 -23.52
CA ARG B 226 -20.38 17.79 -22.88
C ARG B 226 -19.13 17.13 -22.28
N ASP B 227 -19.31 16.49 -21.13
CA ASP B 227 -18.34 15.50 -20.66
C ASP B 227 -18.32 14.44 -21.72
N ARG B 228 -17.23 14.34 -22.46
CA ARG B 228 -17.15 13.26 -23.43
C ARG B 228 -16.66 12.02 -22.70
N ASN B 229 -17.65 11.23 -22.28
CA ASN B 229 -17.37 9.96 -21.64
C ASN B 229 -17.81 8.79 -22.53
N ALA B 230 -16.82 8.00 -22.92
CA ALA B 230 -16.99 6.91 -23.87
C ALA B 230 -17.95 5.86 -23.33
N PRO B 231 -18.58 5.09 -24.24
CA PRO B 231 -19.55 4.05 -23.87
C PRO B 231 -18.84 2.83 -23.29
N PHE B 232 -19.60 1.96 -22.62
CA PHE B 232 -19.00 0.77 -22.04
C PHE B 232 -19.20 -0.47 -22.90
N ALA B 233 -18.08 -1.07 -23.30
CA ALA B 233 -18.10 -2.28 -24.13
C ALA B 233 -19.28 -3.17 -23.72
N ALA B 234 -19.96 -3.71 -24.72
CA ALA B 234 -21.05 -4.64 -24.47
C ALA B 234 -20.48 -5.85 -23.74
N PRO B 235 -21.01 -6.15 -22.54
CA PRO B 235 -20.55 -7.29 -21.75
C PRO B 235 -20.65 -8.60 -22.53
N ASP B 236 -19.53 -9.29 -22.70
CA ASP B 236 -19.47 -10.49 -23.54
C ASP B 236 -19.58 -11.79 -22.75
N GLU B 237 -19.27 -12.91 -23.38
CA GLU B 237 -19.32 -14.18 -22.68
C GLU B 237 -18.43 -14.14 -21.42
N THR B 238 -17.25 -13.53 -21.54
CA THR B 238 -16.25 -13.48 -20.47
C THR B 238 -16.77 -12.71 -19.26
N ALA B 239 -17.20 -11.48 -19.52
CA ALA B 239 -17.81 -10.65 -18.49
C ALA B 239 -18.81 -11.46 -17.65
N LYS B 240 -19.75 -12.11 -18.32
CA LYS B 240 -20.79 -12.86 -17.62
C LYS B 240 -20.26 -13.99 -16.75
N ALA B 241 -19.31 -14.76 -17.29
CA ALA B 241 -18.74 -15.89 -16.57
C ALA B 241 -18.06 -15.40 -15.30
N ILE B 242 -17.26 -14.34 -15.44
CA ILE B 242 -16.60 -13.69 -14.32
C ILE B 242 -17.60 -13.24 -13.24
N ALA B 243 -18.62 -12.49 -13.66
CA ALA B 243 -19.68 -12.07 -12.77
C ALA B 243 -20.28 -13.24 -11.96
N GLY B 244 -20.56 -14.34 -12.65
CA GLY B 244 -21.13 -15.52 -12.03
C GLY B 244 -20.25 -16.10 -10.97
N TYR B 245 -18.97 -16.31 -11.30
CA TYR B 245 -18.03 -16.85 -10.33
C TYR B 245 -17.94 -16.00 -9.06
N LEU B 246 -17.85 -14.69 -9.26
CA LEU B 246 -17.84 -13.75 -8.15
C LEU B 246 -19.11 -13.85 -7.31
N LEU B 247 -20.27 -13.71 -7.97
CA LEU B 247 -21.56 -13.80 -7.28
C LEU B 247 -21.69 -15.05 -6.43
N ASP B 248 -21.33 -16.19 -7.00
CA ASP B 248 -21.30 -17.45 -6.25
C ASP B 248 -20.41 -17.35 -5.02
N PHE B 249 -19.26 -16.69 -5.19
CA PHE B 249 -18.28 -16.55 -4.13
C PHE B 249 -18.84 -15.70 -3.00
N PHE B 250 -19.49 -14.61 -3.36
CA PHE B 250 -20.15 -13.76 -2.37
C PHE B 250 -21.18 -14.60 -1.65
N GLY B 251 -22.00 -15.31 -2.41
CA GLY B 251 -23.03 -16.16 -1.84
C GLY B 251 -22.50 -17.10 -0.78
N HIS B 252 -21.36 -17.72 -1.07
CA HIS B 252 -20.78 -18.67 -0.15
C HIS B 252 -20.16 -17.98 1.08
N GLU B 253 -19.64 -16.77 0.88
CA GLU B 253 -19.15 -16.01 2.02
C GLU B 253 -20.30 -15.75 2.99
N VAL B 254 -21.42 -15.29 2.46
CA VAL B 254 -22.59 -15.01 3.27
C VAL B 254 -23.03 -16.24 4.06
N LYS B 255 -23.13 -17.38 3.37
CA LYS B 255 -23.51 -18.63 4.02
C LYS B 255 -22.56 -19.06 5.15
N GLN B 256 -21.27 -18.84 4.96
CA GLN B 256 -20.28 -19.13 5.99
C GLN B 256 -20.16 -18.02 7.04
N ASN B 257 -21.01 -17.01 6.91
CA ASN B 257 -21.03 -15.88 7.82
C ASN B 257 -19.70 -15.15 7.94
N ARG B 258 -19.07 -14.97 6.78
CA ARG B 258 -17.84 -14.19 6.63
C ARG B 258 -18.18 -12.84 5.97
N LEU B 259 -19.40 -12.75 5.47
CA LEU B 259 -19.95 -11.50 4.96
C LEU B 259 -21.41 -11.42 5.37
N PRO B 260 -21.93 -10.20 5.56
CA PRO B 260 -23.36 -10.04 5.83
C PRO B 260 -24.15 -10.11 4.52
N PRO B 261 -25.47 -10.35 4.60
CA PRO B 261 -26.33 -10.52 3.41
C PRO B 261 -26.31 -9.33 2.46
N SER B 262 -26.06 -8.14 2.99
CA SER B 262 -25.97 -6.93 2.17
C SER B 262 -24.50 -6.62 1.85
N LEU B 263 -23.65 -7.62 2.01
CA LEU B 263 -22.22 -7.52 1.73
C LEU B 263 -21.55 -6.40 2.53
N LEU B 264 -20.56 -5.75 1.93
CA LEU B 264 -19.89 -4.62 2.55
C LEU B 264 -19.88 -3.51 1.54
N PRO B 265 -19.43 -2.30 1.92
CA PRO B 265 -19.40 -1.21 0.95
C PRO B 265 -18.49 -1.57 -0.23
N LEU B 266 -18.96 -1.29 -1.45
CA LEU B 266 -18.35 -1.82 -2.65
C LEU B 266 -17.60 -0.76 -3.45
N GLN B 267 -16.37 -1.09 -3.86
CA GLN B 267 -15.62 -0.27 -4.80
C GLN B 267 -15.38 -1.06 -6.08
N SER B 268 -15.67 -0.43 -7.22
CA SER B 268 -15.43 -1.03 -8.52
C SER B 268 -14.61 -0.03 -9.32
N GLY B 269 -13.52 -0.51 -9.91
CA GLY B 269 -12.55 0.37 -10.55
C GLY B 269 -12.92 0.73 -11.97
N VAL B 270 -12.17 1.67 -12.55
CA VAL B 270 -12.34 2.02 -13.96
C VAL B 270 -12.14 0.80 -14.86
N GLY B 271 -12.87 0.75 -15.96
CA GLY B 271 -12.71 -0.32 -16.91
C GLY B 271 -13.98 -1.09 -17.21
N ASN B 272 -13.99 -1.75 -18.38
CA ASN B 272 -15.12 -2.54 -18.87
C ASN B 272 -15.51 -3.72 -17.99
N VAL B 273 -14.51 -4.48 -17.52
CA VAL B 273 -14.71 -5.73 -16.78
C VAL B 273 -15.37 -5.54 -15.42
N ALA B 274 -14.78 -4.67 -14.60
CA ALA B 274 -15.34 -4.32 -13.29
C ALA B 274 -16.77 -3.78 -13.46
N ASN B 275 -16.99 -3.03 -14.53
CA ASN B 275 -18.33 -2.54 -14.82
C ASN B 275 -19.29 -3.66 -15.12
N ALA B 276 -18.85 -4.60 -15.94
CA ALA B 276 -19.67 -5.74 -16.36
C ALA B 276 -20.11 -6.61 -15.18
N VAL B 277 -19.23 -6.75 -14.19
CA VAL B 277 -19.61 -7.42 -12.93
C VAL B 277 -20.72 -6.71 -12.14
N LEU B 278 -20.72 -5.38 -12.16
CA LEU B 278 -21.79 -4.61 -11.51
C LEU B 278 -23.14 -4.96 -12.12
N GLU B 279 -23.17 -4.99 -13.46
CA GLU B 279 -24.35 -5.41 -14.19
C GLU B 279 -24.85 -6.77 -13.68
N GLY B 280 -23.92 -7.65 -13.34
CA GLY B 280 -24.26 -8.95 -12.80
C GLY B 280 -24.97 -8.83 -11.46
N LEU B 281 -24.51 -7.91 -10.62
CA LEU B 281 -25.09 -7.69 -9.29
C LEU B 281 -26.47 -7.05 -9.35
N LYS B 282 -26.69 -6.18 -10.34
CA LYS B 282 -27.98 -5.54 -10.50
C LYS B 282 -29.11 -6.54 -10.42
N GLU B 283 -28.83 -7.77 -10.86
CA GLU B 283 -29.84 -8.81 -10.95
C GLU B 283 -29.68 -9.86 -9.85
N GLY B 284 -28.50 -9.89 -9.23
CA GLY B 284 -28.20 -10.86 -8.19
C GLY B 284 -29.20 -10.89 -7.04
N PRO B 285 -28.93 -11.75 -6.03
CA PRO B 285 -29.75 -11.96 -4.83
C PRO B 285 -29.32 -11.12 -3.61
N PHE B 286 -28.61 -10.03 -3.84
CA PHE B 286 -28.11 -9.25 -2.72
C PHE B 286 -28.72 -7.87 -2.75
N GLU B 287 -29.28 -7.43 -1.62
CA GLU B 287 -29.85 -6.09 -1.54
C GLU B 287 -29.34 -5.28 -0.34
N ASN B 288 -29.75 -4.02 -0.31
CA ASN B 288 -29.28 -3.07 0.71
C ASN B 288 -27.78 -2.83 0.53
N LEU B 289 -27.36 -2.86 -0.71
CA LEU B 289 -25.96 -2.68 -1.02
C LEU B 289 -25.61 -1.21 -0.88
N VAL B 290 -24.35 -0.97 -0.57
CA VAL B 290 -23.84 0.37 -0.38
C VAL B 290 -22.55 0.50 -1.19
N GLY B 291 -22.43 1.58 -1.95
CA GLY B 291 -21.20 1.83 -2.69
C GLY B 291 -20.28 2.83 -2.00
N TYR B 292 -19.02 2.45 -1.81
CA TYR B 292 -17.97 3.38 -1.40
C TYR B 292 -16.78 3.22 -2.34
N SER B 293 -16.75 4.05 -3.36
CA SER B 293 -15.85 3.82 -4.49
C SER B 293 -15.12 5.09 -4.87
N ALA B 294 -14.31 5.02 -5.91
CA ALA B 294 -13.74 6.24 -6.48
C ALA B 294 -14.65 6.73 -7.61
N VAL B 295 -15.28 5.80 -8.30
CA VAL B 295 -16.08 6.17 -9.45
C VAL B 295 -17.39 5.45 -9.43
N ILE B 296 -18.40 6.12 -9.98
CA ILE B 296 -19.70 5.53 -10.26
C ILE B 296 -19.83 5.33 -11.77
N GLN B 297 -19.67 4.08 -12.21
CA GLN B 297 -19.76 3.74 -13.63
C GLN B 297 -21.18 3.31 -13.94
N ASP B 298 -21.50 3.23 -15.24
CA ASP B 298 -22.86 2.88 -15.68
C ASP B 298 -23.50 1.82 -14.80
N GLY B 299 -22.78 0.71 -14.60
CA GLY B 299 -23.28 -0.42 -13.85
C GLY B 299 -23.74 -0.06 -12.44
N MET B 300 -22.96 0.77 -11.75
CA MET B 300 -23.32 1.21 -10.41
C MET B 300 -24.55 2.13 -10.45
N LEU B 301 -24.59 3.01 -11.43
CA LEU B 301 -25.77 3.86 -11.62
C LEU B 301 -26.98 2.96 -11.84
N ALA B 302 -26.75 1.84 -12.52
CA ALA B 302 -27.80 0.86 -12.76
C ALA B 302 -28.40 0.38 -11.45
N MET B 303 -27.54 -0.06 -10.52
CA MET B 303 -28.02 -0.62 -9.26
C MET B 303 -28.73 0.43 -8.40
N LEU B 304 -28.28 1.68 -8.46
CA LEU B 304 -28.95 2.77 -7.76
C LEU B 304 -30.38 2.89 -8.25
N ASP B 305 -30.51 2.90 -9.58
CA ASP B 305 -31.81 2.90 -10.26
C ASP B 305 -32.68 1.78 -9.69
N SER B 306 -32.26 0.55 -9.90
CA SER B 306 -33.05 -0.60 -9.46
C SER B 306 -33.45 -0.54 -7.97
N GLY B 307 -32.56 -0.06 -7.11
CA GLY B 307 -32.86 0.03 -5.70
C GLY B 307 -32.14 -1.04 -4.91
N ARG B 308 -31.34 -1.83 -5.61
CA ARG B 308 -30.52 -2.87 -5.03
C ARG B 308 -29.37 -2.25 -4.21
N MET B 309 -28.86 -1.12 -4.69
CA MET B 309 -27.88 -0.34 -3.96
C MET B 309 -28.57 0.89 -3.41
N ARG B 310 -28.50 1.11 -2.09
CA ARG B 310 -29.19 2.21 -1.38
C ARG B 310 -28.49 3.55 -1.44
N ILE B 311 -27.20 3.54 -1.67
CA ILE B 311 -26.43 4.77 -1.77
C ILE B 311 -25.02 4.49 -2.27
N ALA B 312 -24.47 5.44 -2.99
CA ALA B 312 -23.13 5.30 -3.51
C ALA B 312 -22.27 6.54 -3.26
N SER B 313 -21.14 6.32 -2.60
CA SER B 313 -20.12 7.35 -2.43
C SER B 313 -19.02 7.18 -3.49
N ALA B 314 -18.55 8.31 -4.02
CA ALA B 314 -17.47 8.31 -5.01
C ALA B 314 -16.90 9.71 -5.15
N SER B 315 -15.98 9.89 -6.08
CA SER B 315 -15.46 11.22 -6.36
C SER B 315 -16.04 11.76 -7.66
N SER B 316 -16.56 10.86 -8.50
CA SER B 316 -17.10 11.28 -9.77
C SER B 316 -17.99 10.21 -10.35
N PHE B 317 -18.86 10.60 -11.28
CA PHE B 317 -19.47 9.58 -12.11
C PHE B 317 -18.80 9.51 -13.48
N SER B 318 -18.52 8.28 -13.90
CA SER B 318 -17.95 8.03 -15.22
C SER B 318 -18.99 7.27 -16.01
N LEU B 319 -19.89 8.00 -16.66
CA LEU B 319 -21.03 7.39 -17.33
C LEU B 319 -20.98 7.50 -18.86
N SER B 320 -21.42 6.42 -19.51
CA SER B 320 -21.56 6.41 -20.96
C SER B 320 -22.55 7.50 -21.33
N PRO B 321 -22.57 7.90 -22.61
CA PRO B 321 -23.50 8.96 -23.06
C PRO B 321 -25.00 8.65 -22.81
N GLU B 322 -25.38 7.38 -22.86
CA GLU B 322 -26.79 7.04 -22.60
C GLU B 322 -27.09 7.14 -21.11
N ALA B 323 -26.14 6.73 -20.28
CA ALA B 323 -26.29 6.80 -18.83
C ALA B 323 -26.19 8.24 -18.33
N ALA B 324 -25.32 9.02 -18.96
CA ALA B 324 -25.22 10.44 -18.66
C ALA B 324 -26.57 11.12 -18.92
N GLU B 325 -27.22 10.72 -20.00
CA GLU B 325 -28.53 11.27 -20.32
C GLU B 325 -29.51 10.90 -19.22
N GLU B 326 -29.57 9.62 -18.90
CA GLU B 326 -30.52 9.09 -17.92
C GLU B 326 -30.50 9.88 -16.61
N ILE B 327 -29.33 10.42 -16.27
CA ILE B 327 -29.16 11.12 -15.00
C ILE B 327 -29.52 12.61 -15.11
N ASN B 328 -29.11 13.27 -16.20
CA ASN B 328 -29.43 14.69 -16.39
C ASN B 328 -30.94 14.86 -16.40
N ASN B 329 -31.65 13.77 -16.65
CA ASN B 329 -33.11 13.78 -16.61
C ASN B 329 -33.66 13.58 -15.21
N ARG B 330 -33.39 12.42 -14.60
CA ARG B 330 -33.96 12.13 -13.28
C ARG B 330 -33.09 12.64 -12.15
N MET B 331 -32.20 13.60 -12.46
CA MET B 331 -31.26 14.14 -11.48
C MET B 331 -31.90 14.35 -10.11
N ASP B 332 -33.16 14.72 -10.12
CA ASP B 332 -33.97 14.84 -8.91
C ASP B 332 -33.92 13.59 -8.03
N PHE B 333 -33.97 12.42 -8.67
CA PHE B 333 -34.00 11.13 -7.96
C PHE B 333 -32.62 10.69 -7.52
N PHE B 334 -31.65 10.79 -8.42
CA PHE B 334 -30.30 10.33 -8.16
C PHE B 334 -29.54 11.21 -7.16
N ARG B 335 -29.80 12.51 -7.17
CA ARG B 335 -29.09 13.44 -6.28
C ARG B 335 -29.16 13.02 -4.81
N SER B 336 -30.07 12.11 -4.49
CA SER B 336 -30.25 11.71 -3.11
C SER B 336 -29.71 10.30 -2.87
N LYS B 337 -29.23 9.67 -3.95
CA LYS B 337 -28.62 8.34 -3.88
C LYS B 337 -27.09 8.42 -3.89
N ILE B 338 -26.57 9.62 -4.17
CA ILE B 338 -25.16 9.82 -4.45
C ILE B 338 -24.51 10.92 -3.62
N ILE B 339 -23.30 10.65 -3.14
CA ILE B 339 -22.47 11.68 -2.54
C ILE B 339 -21.14 11.72 -3.28
N LEU B 340 -20.78 12.90 -3.75
CA LEU B 340 -19.53 13.10 -4.47
C LEU B 340 -18.53 13.78 -3.52
N ARG B 341 -17.40 13.11 -3.25
CA ARG B 341 -16.42 13.63 -2.31
C ARG B 341 -15.11 14.04 -2.97
N GLN B 342 -14.25 14.73 -2.22
CA GLN B 342 -12.87 14.90 -2.63
C GLN B 342 -12.15 13.53 -2.82
N GLN B 343 -11.31 13.41 -3.85
CA GLN B 343 -10.66 12.13 -4.10
C GLN B 343 -9.77 11.71 -2.92
N ASP B 344 -9.23 12.68 -2.18
CA ASP B 344 -8.42 12.29 -1.02
C ASP B 344 -9.26 11.83 0.17
N VAL B 345 -10.58 11.93 0.05
CA VAL B 345 -11.48 11.37 1.06
C VAL B 345 -12.10 10.09 0.53
N SER B 346 -12.44 10.07 -0.75
CA SER B 346 -12.99 8.86 -1.34
C SER B 346 -11.93 7.75 -1.38
N ASN B 347 -10.67 8.14 -1.57
CA ASN B 347 -9.57 7.19 -1.63
C ASN B 347 -8.68 7.20 -0.39
N SER B 348 -9.25 7.65 0.74
CA SER B 348 -8.53 7.64 1.99
C SER B 348 -8.45 6.24 2.57
N PRO B 349 -7.24 5.69 2.70
CA PRO B 349 -7.05 4.33 3.22
C PRO B 349 -7.60 4.13 4.64
N GLY B 350 -7.48 5.14 5.49
CA GLY B 350 -8.05 5.07 6.82
C GLY B 350 -9.56 4.80 6.77
N ILE B 351 -10.23 5.54 5.90
CA ILE B 351 -11.66 5.39 5.73
C ILE B 351 -12.02 4.06 5.09
N ILE B 352 -11.32 3.72 4.01
CA ILE B 352 -11.59 2.49 3.28
C ILE B 352 -11.48 1.27 4.21
N ARG B 353 -10.40 1.20 4.97
CA ARG B 353 -10.22 0.12 5.93
C ARG B 353 -11.33 0.11 6.99
N ARG B 354 -11.67 1.28 7.51
CA ARG B 354 -12.67 1.40 8.58
C ARG B 354 -14.06 0.90 8.13
N LEU B 355 -14.49 1.32 6.94
CA LEU B 355 -15.76 0.86 6.39
C LEU B 355 -15.66 -0.61 5.96
N GLY B 356 -14.43 -1.11 5.81
CA GLY B 356 -14.20 -2.48 5.40
C GLY B 356 -14.65 -2.79 3.98
N CYS B 357 -14.24 -1.95 3.03
CA CYS B 357 -14.69 -2.06 1.63
C CYS B 357 -14.21 -3.33 0.94
N ILE B 358 -15.04 -3.80 0.00
CA ILE B 358 -14.66 -4.87 -0.89
C ILE B 358 -14.21 -4.24 -2.19
N ALA B 359 -12.97 -4.54 -2.59
CA ALA B 359 -12.34 -3.86 -3.71
C ALA B 359 -12.32 -4.76 -4.95
N MET B 360 -12.90 -4.25 -6.03
CA MET B 360 -12.99 -5.00 -7.28
C MET B 360 -12.33 -4.19 -8.37
N ASN B 361 -11.19 -4.68 -8.85
CA ASN B 361 -10.48 -3.98 -9.88
C ASN B 361 -10.01 -4.86 -11.01
N GLY B 362 -9.83 -4.24 -12.18
CA GLY B 362 -9.29 -4.93 -13.33
C GLY B 362 -7.78 -5.05 -13.26
N MET B 363 -7.20 -5.78 -14.20
CA MET B 363 -5.75 -5.85 -14.32
C MET B 363 -5.35 -6.18 -15.75
N ILE B 364 -4.13 -5.79 -16.10
CA ILE B 364 -3.48 -6.26 -17.29
C ILE B 364 -3.14 -7.73 -17.16
N GLU B 365 -2.35 -8.04 -16.13
CA GLU B 365 -1.89 -9.41 -15.88
C GLU B 365 -1.57 -9.69 -14.39
N ALA B 366 -1.47 -10.97 -14.06
CA ALA B 366 -0.90 -11.39 -12.78
C ALA B 366 0.01 -12.56 -13.07
N ASP B 367 1.09 -12.69 -12.31
CA ASP B 367 1.92 -13.87 -12.46
C ASP B 367 1.36 -15.03 -11.63
N ILE B 368 2.00 -16.20 -11.71
CA ILE B 368 1.46 -17.38 -11.04
C ILE B 368 1.39 -17.20 -9.52
N TYR B 369 2.20 -16.28 -8.99
CA TYR B 369 2.14 -16.01 -7.57
C TYR B 369 1.09 -14.94 -7.13
N GLY B 370 0.38 -14.36 -8.12
CA GLY B 370 -0.64 -13.37 -7.83
C GLY B 370 -0.11 -11.97 -7.55
N ASN B 371 1.08 -11.65 -8.05
CA ASN B 371 1.49 -10.26 -8.18
C ASN B 371 0.75 -9.67 -9.39
N VAL B 372 0.23 -8.46 -9.25
CA VAL B 372 -0.63 -7.87 -10.28
C VAL B 372 0.02 -6.71 -11.06
N ASN B 373 -0.22 -6.70 -12.37
CA ASN B 373 0.21 -5.59 -13.22
C ASN B 373 -1.01 -4.83 -13.67
N SER B 374 -1.11 -3.54 -13.31
CA SER B 374 -2.29 -2.76 -13.68
C SER B 374 -2.00 -1.72 -14.75
N THR B 375 -0.74 -1.57 -15.15
CA THR B 375 -0.36 -0.38 -15.90
C THR B 375 0.52 -0.53 -17.15
N ARG B 376 1.50 -1.43 -17.12
CA ARG B 376 2.57 -1.41 -18.12
C ARG B 376 2.68 -2.69 -18.96
N VAL B 377 2.17 -2.64 -20.17
CA VAL B 377 2.25 -3.79 -21.08
C VAL B 377 3.71 -4.05 -21.49
N MET B 378 4.10 -5.33 -21.40
CA MET B 378 5.49 -5.73 -21.57
C MET B 378 6.43 -5.11 -20.53
N GLY B 379 5.87 -4.42 -19.54
CA GLY B 379 6.67 -3.80 -18.50
C GLY B 379 7.15 -2.38 -18.81
N SER B 380 6.87 -1.88 -20.01
CA SER B 380 7.44 -0.59 -20.43
C SER B 380 6.43 0.35 -21.06
N LYS B 381 5.31 -0.19 -21.49
CA LYS B 381 4.36 0.62 -22.25
C LYS B 381 3.12 0.95 -21.40
N MET B 382 2.95 2.24 -21.09
CA MET B 382 1.86 2.68 -20.22
C MET B 382 0.49 2.55 -20.86
N MET B 383 -0.46 2.05 -20.08
CA MET B 383 -1.84 1.97 -20.49
C MET B 383 -2.59 3.18 -19.91
N ASN B 384 -3.15 3.05 -18.72
CA ASN B 384 -3.83 4.20 -18.11
C ASN B 384 -3.05 4.75 -16.93
N GLY B 385 -2.93 3.94 -15.88
CA GLY B 385 -2.26 4.35 -14.67
C GLY B 385 -2.74 3.48 -13.53
N ILE B 386 -2.16 3.66 -12.35
CA ILE B 386 -2.50 2.81 -11.24
C ILE B 386 -3.83 3.25 -10.64
N GLY B 387 -4.18 4.51 -10.90
CA GLY B 387 -5.36 5.14 -10.32
C GLY B 387 -5.46 5.01 -8.81
N GLY B 388 -6.61 4.52 -8.37
CA GLY B 388 -6.90 4.24 -6.98
C GLY B 388 -6.85 2.76 -6.66
N SER B 389 -6.40 1.93 -7.60
CA SER B 389 -6.34 0.49 -7.36
C SER B 389 -5.41 0.16 -6.17
N GLY B 390 -4.37 0.96 -6.00
CA GLY B 390 -3.51 0.81 -4.84
C GLY B 390 -4.23 1.19 -3.55
N ASP B 391 -4.78 2.40 -3.51
CA ASP B 391 -5.56 2.90 -2.37
C ASP B 391 -6.48 1.81 -1.84
N PHE B 392 -7.30 1.27 -2.73
CA PHE B 392 -8.36 0.33 -2.34
C PHE B 392 -7.86 -1.08 -2.08
N ALA B 393 -7.08 -1.63 -3.00
CA ALA B 393 -6.55 -2.98 -2.84
C ALA B 393 -5.88 -3.20 -1.48
N ARG B 394 -4.94 -2.32 -1.13
CA ARG B 394 -4.24 -2.49 0.14
C ARG B 394 -5.12 -2.20 1.37
N SER B 395 -6.08 -1.29 1.23
CA SER B 395 -6.86 -0.85 2.38
C SER B 395 -8.06 -1.74 2.66
N SER B 396 -8.47 -2.50 1.66
CA SER B 396 -9.77 -3.16 1.67
C SER B 396 -9.90 -4.35 2.60
N TYR B 397 -11.14 -4.74 2.88
CA TYR B 397 -11.46 -5.95 3.61
C TYR B 397 -11.15 -7.19 2.76
N LEU B 398 -11.40 -7.07 1.45
CA LEU B 398 -11.17 -8.12 0.47
C LEU B 398 -10.74 -7.45 -0.83
N SER B 399 -9.62 -7.91 -1.37
CA SER B 399 -9.10 -7.35 -2.60
C SER B 399 -9.24 -8.34 -3.75
N ILE B 400 -10.04 -7.96 -4.73
CA ILE B 400 -10.39 -8.86 -5.82
C ILE B 400 -9.95 -8.26 -7.16
N PHE B 401 -9.38 -9.12 -8.01
CA PHE B 401 -8.93 -8.69 -9.32
C PHE B 401 -9.60 -9.50 -10.42
N LEU B 402 -9.89 -8.84 -11.54
CA LEU B 402 -10.77 -9.40 -12.56
C LEU B 402 -10.26 -9.16 -13.98
N SER B 403 -10.21 -10.23 -14.77
CA SER B 403 -9.68 -10.14 -16.12
C SER B 403 -10.03 -11.35 -16.97
N PRO B 404 -10.24 -11.11 -18.27
CA PRO B 404 -10.23 -12.23 -19.20
C PRO B 404 -8.90 -12.96 -19.02
N SER B 405 -8.88 -14.28 -19.16
CA SER B 405 -7.65 -15.06 -18.97
C SER B 405 -6.63 -14.83 -20.10
N THR B 406 -7.08 -14.27 -21.21
CA THR B 406 -6.19 -13.93 -22.31
C THR B 406 -6.48 -12.54 -22.82
N ALA B 407 -5.55 -11.98 -23.56
CA ALA B 407 -5.74 -10.69 -24.21
C ALA B 407 -5.29 -10.80 -25.67
N LYS B 408 -5.70 -9.84 -26.50
CA LYS B 408 -5.32 -9.79 -27.92
C LYS B 408 -5.73 -11.07 -28.68
N GLY B 409 -6.99 -11.46 -28.53
CA GLY B 409 -7.55 -12.56 -29.28
C GLY B 409 -6.95 -13.92 -28.97
N GLY B 410 -6.43 -14.06 -27.75
CA GLY B 410 -5.87 -15.34 -27.32
C GLY B 410 -4.36 -15.36 -27.41
N LYS B 411 -3.81 -14.34 -28.08
CA LYS B 411 -2.37 -14.26 -28.34
C LYS B 411 -1.51 -13.89 -27.12
N ILE B 412 -2.15 -13.34 -26.08
CA ILE B 412 -1.46 -13.03 -24.83
C ILE B 412 -2.16 -13.76 -23.70
N SER B 413 -1.38 -14.28 -22.74
CA SER B 413 -1.94 -14.83 -21.51
C SER B 413 -1.93 -13.80 -20.37
N ALA B 414 -3.09 -13.61 -19.74
CA ALA B 414 -3.21 -12.69 -18.61
C ALA B 414 -2.65 -13.32 -17.34
N ILE B 415 -2.31 -14.59 -17.40
CA ILE B 415 -1.55 -15.24 -16.32
C ILE B 415 -0.17 -15.62 -16.85
N VAL B 416 0.89 -15.09 -16.23
CA VAL B 416 2.23 -15.25 -16.77
C VAL B 416 3.22 -15.77 -15.72
N PRO B 417 4.36 -16.35 -16.16
CA PRO B 417 5.32 -16.83 -15.16
C PRO B 417 5.75 -15.72 -14.21
N MET B 418 6.08 -14.57 -14.76
CA MET B 418 6.36 -13.40 -13.95
C MET B 418 5.75 -12.14 -14.61
N ALA B 419 5.08 -11.32 -13.80
CA ALA B 419 4.54 -10.07 -14.31
C ALA B 419 5.68 -9.16 -14.78
N ALA B 420 5.47 -8.48 -15.89
CA ALA B 420 6.53 -7.65 -16.48
C ALA B 420 6.73 -6.35 -15.71
N HIS B 421 5.67 -5.90 -15.06
CA HIS B 421 5.72 -4.78 -14.11
C HIS B 421 4.80 -5.13 -12.95
N VAL B 422 5.14 -4.69 -11.75
CA VAL B 422 4.28 -4.94 -10.60
C VAL B 422 3.61 -3.68 -10.03
N ASP B 423 2.28 -3.72 -9.89
CA ASP B 423 1.54 -2.63 -9.23
C ASP B 423 1.06 -3.08 -7.86
N HIS B 424 0.58 -4.31 -7.79
CA HIS B 424 0.03 -4.85 -6.57
C HIS B 424 0.75 -6.14 -6.19
N ILE B 425 1.48 -6.09 -5.08
CA ILE B 425 2.18 -7.24 -4.56
C ILE B 425 1.20 -8.31 -4.07
N MET B 426 1.72 -9.52 -3.84
CA MET B 426 0.90 -10.62 -3.33
C MET B 426 0.04 -10.25 -2.11
N GLN B 427 0.65 -9.58 -1.14
CA GLN B 427 -0.07 -9.22 0.06
C GLN B 427 -1.29 -8.34 -0.24
N ASP B 428 -1.36 -7.77 -1.44
CA ASP B 428 -2.47 -6.90 -1.80
C ASP B 428 -3.51 -7.55 -2.73
N ALA B 429 -3.48 -8.86 -2.89
CA ALA B 429 -4.46 -9.54 -3.74
C ALA B 429 -4.93 -10.88 -3.15
N GLN B 430 -6.20 -10.96 -2.74
CA GLN B 430 -6.71 -12.21 -2.15
C GLN B 430 -7.49 -13.08 -3.14
N ILE B 431 -8.14 -12.44 -4.11
CA ILE B 431 -9.05 -13.15 -4.99
C ILE B 431 -8.76 -12.82 -6.44
N PHE B 432 -8.65 -13.86 -7.27
CA PHE B 432 -8.57 -13.70 -8.71
C PHE B 432 -9.76 -14.36 -9.41
N VAL B 433 -10.28 -13.67 -10.43
CA VAL B 433 -11.41 -14.19 -11.18
C VAL B 433 -11.22 -13.94 -12.67
N THR B 434 -11.20 -15.03 -13.44
CA THR B 434 -11.25 -14.93 -14.90
C THR B 434 -12.50 -15.69 -15.34
N GLU B 435 -12.64 -15.91 -16.64
CA GLU B 435 -13.77 -16.68 -17.14
C GLU B 435 -13.55 -18.19 -16.91
N GLN B 436 -12.34 -18.57 -16.53
CA GLN B 436 -12.05 -19.96 -16.27
C GLN B 436 -12.50 -20.38 -14.89
N GLY B 437 -12.61 -19.41 -14.00
CA GLY B 437 -12.86 -19.73 -12.60
C GLY B 437 -12.24 -18.72 -11.66
N LEU B 438 -12.31 -19.01 -10.37
CA LEU B 438 -11.97 -18.05 -9.32
C LEU B 438 -10.96 -18.63 -8.35
N ALA B 439 -9.95 -17.84 -8.00
CA ALA B 439 -8.92 -18.32 -7.10
C ALA B 439 -9.00 -17.59 -5.76
N ASP B 440 -9.13 -18.36 -4.70
CA ASP B 440 -9.17 -17.83 -3.35
C ASP B 440 -7.81 -18.09 -2.68
N LEU B 441 -7.04 -17.01 -2.46
CA LEU B 441 -5.66 -17.14 -2.02
C LEU B 441 -5.45 -16.86 -0.53
N ARG B 442 -6.52 -16.52 0.17
CA ARG B 442 -6.43 -16.22 1.60
C ARG B 442 -5.73 -17.33 2.41
N GLY B 443 -4.63 -16.96 3.07
CA GLY B 443 -3.93 -17.88 3.95
C GLY B 443 -2.88 -18.77 3.28
N LEU B 444 -2.70 -18.62 1.97
CA LEU B 444 -1.78 -19.45 1.19
C LEU B 444 -0.36 -18.88 1.05
N SER B 445 0.64 -19.77 1.14
CA SER B 445 2.01 -19.45 0.75
C SER B 445 2.05 -19.23 -0.76
N PRO B 446 3.11 -18.59 -1.26
CA PRO B 446 3.19 -18.29 -2.69
C PRO B 446 2.99 -19.52 -3.56
N VAL B 447 3.67 -20.61 -3.19
CA VAL B 447 3.57 -21.87 -3.92
C VAL B 447 2.15 -22.44 -3.94
N GLN B 448 1.39 -22.21 -2.86
CA GLN B 448 -0.03 -22.61 -2.81
C GLN B 448 -0.86 -21.64 -3.66
N ARG B 449 -0.40 -20.41 -3.78
CA ARG B 449 -1.09 -19.45 -4.63
C ARG B 449 -1.03 -19.88 -6.10
N ALA B 450 0.15 -20.33 -6.52
CA ALA B 450 0.36 -20.77 -7.89
C ALA B 450 -0.56 -21.93 -8.30
N ARG B 451 -0.67 -22.93 -7.43
CA ARG B 451 -1.55 -24.06 -7.71
C ARG B 451 -2.99 -23.60 -7.95
N GLU B 452 -3.45 -22.65 -7.14
CA GLU B 452 -4.81 -22.14 -7.29
C GLU B 452 -4.99 -21.25 -8.52
N ILE B 453 -4.03 -20.35 -8.76
CA ILE B 453 -4.14 -19.44 -9.88
C ILE B 453 -4.12 -20.23 -11.19
N ILE B 454 -3.20 -21.17 -11.28
CA ILE B 454 -3.02 -21.96 -12.50
C ILE B 454 -4.22 -22.87 -12.77
N SER B 455 -4.70 -23.58 -11.76
CA SER B 455 -5.79 -24.52 -11.95
C SER B 455 -7.15 -23.82 -12.15
N LYS B 456 -7.33 -22.65 -11.55
CA LYS B 456 -8.63 -21.97 -11.54
C LYS B 456 -8.78 -20.86 -12.58
N CYS B 457 -7.72 -20.11 -12.83
CA CYS B 457 -7.84 -18.87 -13.62
C CYS B 457 -7.20 -18.88 -15.00
N ALA B 458 -6.10 -19.62 -15.16
CA ALA B 458 -5.40 -19.67 -16.45
C ALA B 458 -6.21 -20.36 -17.54
N HIS B 459 -6.12 -19.81 -18.75
CA HIS B 459 -6.75 -20.36 -19.94
C HIS B 459 -6.14 -21.70 -20.30
N PRO B 460 -6.98 -22.68 -20.65
CA PRO B 460 -6.47 -24.02 -20.99
C PRO B 460 -5.33 -24.06 -22.04
N ASP B 461 -5.26 -23.08 -22.94
CA ASP B 461 -4.15 -23.03 -23.90
C ASP B 461 -2.82 -22.78 -23.20
N TYR B 462 -2.87 -22.13 -22.04
CA TYR B 462 -1.65 -21.71 -21.35
C TYR B 462 -1.37 -22.47 -20.05
N ARG B 463 -2.39 -23.09 -19.47
CA ARG B 463 -2.24 -23.82 -18.21
C ARG B 463 -1.07 -24.80 -18.21
N PRO B 464 -0.94 -25.61 -19.28
CA PRO B 464 0.19 -26.56 -19.24
C PRO B 464 1.55 -25.88 -19.32
N MET B 465 1.70 -24.85 -20.16
CA MET B 465 2.92 -24.06 -20.20
C MET B 465 3.23 -23.46 -18.82
N LEU B 466 2.23 -22.88 -18.16
CA LEU B 466 2.42 -22.36 -16.82
C LEU B 466 2.83 -23.46 -15.83
N GLN B 467 2.16 -24.60 -15.92
CA GLN B 467 2.43 -25.71 -15.01
C GLN B 467 3.86 -26.21 -15.20
N ASP B 468 4.29 -26.20 -16.46
CA ASP B 468 5.61 -26.67 -16.81
C ASP B 468 6.67 -25.74 -16.23
N TYR B 469 6.46 -24.44 -16.40
CA TYR B 469 7.32 -23.44 -15.80
C TYR B 469 7.44 -23.64 -14.29
N PHE B 470 6.30 -23.84 -13.65
CA PHE B 470 6.28 -23.94 -12.20
C PHE B 470 6.95 -25.23 -11.72
N ASP B 471 6.68 -26.34 -12.42
CA ASP B 471 7.25 -27.64 -12.07
C ASP B 471 8.77 -27.59 -12.10
N ARG B 472 9.31 -26.92 -13.12
CA ARG B 472 10.76 -26.87 -13.28
C ARG B 472 11.41 -25.82 -12.36
N ALA B 473 10.66 -24.80 -11.98
CA ALA B 473 11.18 -23.80 -11.09
C ALA B 473 11.28 -24.41 -9.70
N LEU B 474 10.33 -25.25 -9.39
CA LEU B 474 10.31 -25.99 -8.13
C LEU B 474 11.56 -26.84 -7.96
N LYS B 475 12.04 -27.42 -9.06
CA LYS B 475 13.25 -28.24 -9.03
C LYS B 475 14.54 -27.44 -9.05
N ASN B 476 14.56 -26.33 -9.78
CA ASN B 476 15.83 -25.65 -10.07
C ASN B 476 16.03 -24.24 -9.53
N SER B 477 14.95 -23.62 -9.05
CA SER B 477 15.01 -22.25 -8.53
C SER B 477 16.08 -22.09 -7.47
N PHE B 478 16.72 -20.92 -7.46
CA PHE B 478 17.76 -20.59 -6.48
C PHE B 478 17.26 -20.76 -5.02
N GLY B 479 16.03 -20.29 -4.75
CA GLY B 479 15.29 -20.68 -3.55
C GLY B 479 13.96 -21.37 -3.89
N LYS B 480 13.37 -22.10 -2.94
CA LYS B 480 12.10 -22.80 -3.18
C LYS B 480 10.83 -22.09 -2.64
N HIS B 481 11.00 -20.95 -1.97
CA HIS B 481 9.87 -20.23 -1.42
C HIS B 481 9.00 -19.54 -2.48
N THR B 482 9.64 -18.86 -3.44
CA THR B 482 8.95 -18.31 -4.60
C THR B 482 9.72 -18.73 -5.83
N PRO B 483 9.55 -19.99 -6.24
CA PRO B 483 10.36 -20.63 -7.28
C PRO B 483 10.32 -19.90 -8.64
N HIS B 484 11.49 -19.60 -9.18
CA HIS B 484 11.55 -18.97 -10.50
C HIS B 484 12.71 -19.51 -11.31
N LEU B 485 12.56 -19.44 -12.63
CA LEU B 485 13.65 -19.64 -13.55
C LEU B 485 13.88 -18.30 -14.23
N LEU B 486 14.90 -17.58 -13.79
CA LEU B 486 15.13 -16.24 -14.31
C LEU B 486 15.39 -16.17 -15.82
N THR B 487 16.01 -17.21 -16.37
CA THR B 487 16.21 -17.29 -17.82
C THR B 487 14.92 -17.25 -18.63
N GLU B 488 13.83 -17.80 -18.09
CA GLU B 488 12.57 -17.78 -18.82
C GLU B 488 11.42 -16.99 -18.16
N ALA B 489 11.65 -16.40 -17.00
CA ALA B 489 10.59 -15.69 -16.29
C ALA B 489 9.85 -14.64 -17.16
N LEU B 490 10.60 -13.86 -17.93
CA LEU B 490 10.03 -12.84 -18.77
C LEU B 490 9.96 -13.24 -20.26
N SER B 491 10.30 -14.50 -20.55
CA SER B 491 10.39 -14.97 -21.94
C SER B 491 9.06 -15.02 -22.73
N TRP B 492 7.93 -15.16 -22.05
CA TRP B 492 6.64 -15.08 -22.77
C TRP B 492 6.40 -13.67 -23.31
N HIS B 493 6.78 -12.67 -22.53
CA HIS B 493 6.67 -11.30 -22.98
C HIS B 493 7.62 -11.09 -24.15
N GLN B 494 8.88 -11.48 -23.98
CA GLN B 494 9.81 -11.37 -25.10
C GLN B 494 9.30 -12.09 -26.34
N ARG B 495 8.79 -13.31 -26.18
CA ARG B 495 8.24 -14.06 -27.31
C ARG B 495 7.15 -13.28 -28.05
N PHE B 496 6.28 -12.60 -27.30
CA PHE B 496 5.21 -11.82 -27.90
C PHE B 496 5.76 -10.67 -28.72
N ILE B 497 6.76 -9.97 -28.16
CA ILE B 497 7.38 -8.85 -28.85
C ILE B 497 8.02 -9.34 -30.16
N ASP B 498 8.60 -10.54 -30.09
CA ASP B 498 9.33 -11.14 -31.20
C ASP B 498 8.46 -11.80 -32.28
N THR B 499 7.34 -12.37 -31.87
CA THR B 499 6.54 -13.15 -32.80
C THR B 499 5.06 -12.75 -32.88
N GLY B 500 4.61 -11.91 -31.95
CA GLY B 500 3.24 -11.43 -31.94
C GLY B 500 2.26 -12.33 -31.21
N THR B 501 2.80 -13.38 -30.58
CA THR B 501 1.98 -14.26 -29.77
C THR B 501 2.81 -14.90 -28.67
N MET B 502 2.15 -15.38 -27.62
CA MET B 502 2.82 -15.99 -26.49
C MET B 502 2.81 -17.49 -26.67
N LEU B 503 1.98 -17.96 -27.59
CA LEU B 503 1.97 -19.37 -27.96
C LEU B 503 3.20 -19.71 -28.79
N PRO B 504 3.80 -20.88 -28.54
CA PRO B 504 4.95 -21.36 -29.32
C PRO B 504 4.58 -21.65 -30.79
N SER B 505 5.61 -21.79 -31.63
CA SER B 505 5.40 -22.13 -33.03
C SER B 505 5.00 -23.60 -33.18
#